data_2V55
#
_entry.id   2V55
#
_cell.length_a   152.477
_cell.length_b   152.477
_cell.length_c   531.274
_cell.angle_alpha   90.00
_cell.angle_beta   90.00
_cell.angle_gamma   120.00
#
_symmetry.space_group_name_H-M   'P 65 2 2'
#
loop_
_entity.id
_entity.type
_entity.pdbx_description
1 polymer 'RHO-ASSOCIATED PROTEIN KINASE 1'
2 polymer 'RHO-RELATED GTP-BINDING PROTEIN RHOE'
3 non-polymer 'PHOSPHOAMINOPHOSPHONIC ACID-ADENYLATE ESTER'
4 non-polymer 'MAGNESIUM ION'
5 non-polymer "GUANOSINE-5'-TRIPHOSPHATE"
6 non-polymer 'SULFATE ION'
#
loop_
_entity_poly.entity_id
_entity_poly.type
_entity_poly.pdbx_seq_one_letter_code
_entity_poly.pdbx_strand_id
1 'polypeptide(L)'
;MSTGDSFETRFEKMDNLLRDPKSEVNSDCLLDGLDALVYDLDFPALRKNKNIDNFLSRYKDTINKIRDLRMKAEDYEVVK
VIGRGAFGEVQLVRHKSTRKVYAMKLLSKFEMIKRSDSAFFWEERDIMAFANSPWVVQLFYAFQDDRYLYMVMEYMPGGD
LVNLMSNYDVPEKWARFYTAEVVLALDAIHSMGFIHRDVKPDNMLLDKSGHLKLADFGTCMKMNKEGMVRCDTAVGTPDY
ISPEVLKSQGGDGYYGRECDWWSVGVFLYEMLVGDTPFYADSLVGTYSKIMNHKNSLTFPDDNDISKEAKNLICAFLTDR
EVRLGRNGVEEIKRHLFFKNDQWAWETLRDTVAPVVPDLSSDIDTSNFDDLEEDKGEEETFPIPKAFVGNQLPFVGFTYY
SNRRYL
;
A,C
2 'polypeptide(L)'
;MKERRASQKLSSKSIMDPNQNVKCKIVVVGDSQCGKTALLHVFAKDCFPENYVPTVFENYTASFEIDTQRIELSLWDTSG
SPYYDNVRPLSYPDSDAVLICFDISRPETLDSVLKKWKGEIQEFCPNTKMLLVGCKSDLRTDVSTLVELSNHRQTPVSYD
QGANMAKQIGAATYIECSALQSENSVRDIFHVATLACVNK
;
B,D
#
loop_
_chem_comp.id
_chem_comp.type
_chem_comp.name
_chem_comp.formula
ANP non-polymer 'PHOSPHOAMINOPHOSPHONIC ACID-ADENYLATE ESTER' 'C10 H17 N6 O12 P3'
GTP non-polymer GUANOSINE-5'-TRIPHOSPHATE 'C10 H16 N5 O14 P3'
MG non-polymer 'MAGNESIUM ION' 'Mg 2'
SO4 non-polymer 'SULFATE ION' 'O4 S -2'
#
# COMPACT_ATOMS: atom_id res chain seq x y z
N SER A 6 -26.38 -30.17 -25.42
CA SER A 6 -26.11 -31.59 -25.68
C SER A 6 -25.52 -32.27 -24.45
N PHE A 7 -24.36 -32.93 -24.60
CA PHE A 7 -23.71 -33.64 -23.49
C PHE A 7 -22.40 -32.98 -23.02
N GLU A 8 -21.53 -32.59 -23.96
CA GLU A 8 -20.31 -31.87 -23.56
C GLU A 8 -20.68 -30.58 -22.84
N THR A 9 -21.68 -29.85 -23.37
CA THR A 9 -22.09 -28.59 -22.76
C THR A 9 -22.85 -28.88 -21.47
N ARG A 10 -22.86 -30.13 -21.04
CA ARG A 10 -23.34 -30.51 -19.70
C ARG A 10 -22.15 -30.56 -18.74
N PHE A 11 -21.29 -31.55 -18.88
CA PHE A 11 -20.09 -31.56 -18.05
C PHE A 11 -19.24 -30.30 -18.34
N GLU A 12 -19.72 -29.47 -19.26
CA GLU A 12 -19.15 -28.13 -19.45
C GLU A 12 -19.87 -27.13 -18.54
N LYS A 13 -21.05 -26.66 -18.93
CA LYS A 13 -21.81 -25.67 -18.15
C LYS A 13 -21.77 -25.98 -16.65
N MET A 14 -21.34 -27.19 -16.32
CA MET A 14 -21.25 -27.65 -14.94
C MET A 14 -19.94 -27.24 -14.28
N ASP A 15 -18.82 -27.61 -14.89
CA ASP A 15 -17.52 -27.33 -14.29
C ASP A 15 -17.29 -25.84 -14.06
N ASN A 16 -17.63 -25.01 -15.05
CA ASN A 16 -17.53 -23.56 -14.87
C ASN A 16 -18.67 -23.04 -14.01
N LEU A 17 -18.93 -23.79 -12.95
CA LEU A 17 -19.97 -23.50 -11.99
C LEU A 17 -19.45 -24.01 -10.65
N LEU A 18 -18.23 -24.53 -10.70
CA LEU A 18 -17.52 -24.93 -9.51
C LEU A 18 -16.35 -23.99 -9.37
N ARG A 19 -16.08 -23.22 -10.42
CA ARG A 19 -15.06 -22.19 -10.36
C ARG A 19 -15.68 -20.82 -10.13
N ASP A 20 -16.78 -20.56 -10.81
CA ASP A 20 -17.54 -19.31 -10.65
C ASP A 20 -17.73 -18.90 -9.17
N PRO A 21 -16.99 -17.88 -8.71
CA PRO A 21 -17.06 -17.49 -7.29
C PRO A 21 -18.45 -16.98 -6.93
N LYS A 22 -19.09 -16.29 -7.88
CA LYS A 22 -20.39 -15.69 -7.66
C LYS A 22 -21.45 -16.76 -7.52
N SER A 23 -21.00 -18.01 -7.55
CA SER A 23 -21.91 -19.14 -7.51
C SER A 23 -22.19 -19.63 -6.10
N GLU A 24 -23.30 -20.37 -5.98
CA GLU A 24 -23.73 -20.88 -4.69
C GLU A 24 -22.99 -22.16 -4.35
N VAL A 25 -22.18 -22.63 -5.31
CA VAL A 25 -21.57 -23.96 -5.22
C VAL A 25 -20.11 -24.07 -5.73
N ASN A 26 -19.44 -22.95 -5.95
CA ASN A 26 -18.03 -23.04 -6.27
C ASN A 26 -17.43 -23.95 -5.22
N SER A 27 -16.55 -24.87 -5.62
CA SER A 27 -15.91 -25.81 -4.69
C SER A 27 -15.81 -25.35 -3.23
N ASP A 28 -15.19 -24.19 -3.01
CA ASP A 28 -15.04 -23.59 -1.67
C ASP A 28 -16.34 -23.59 -0.83
N CYS A 29 -17.50 -23.52 -1.50
CA CYS A 29 -18.83 -23.54 -0.86
C CYS A 29 -19.34 -24.96 -0.47
N LEU A 30 -19.13 -25.94 -1.36
CA LEU A 30 -19.54 -27.33 -1.07
C LEU A 30 -18.75 -27.83 0.11
N LEU A 31 -17.44 -27.56 0.12
CA LEU A 31 -16.64 -27.68 1.33
C LEU A 31 -17.41 -27.10 2.50
N ASP A 32 -17.47 -25.77 2.56
CA ASP A 32 -18.18 -25.04 3.61
C ASP A 32 -19.44 -25.83 4.02
N GLY A 33 -20.08 -26.48 3.05
CA GLY A 33 -21.22 -27.34 3.29
C GLY A 33 -20.92 -28.47 4.28
N LEU A 34 -20.42 -29.59 3.76
CA LEU A 34 -19.99 -30.70 4.59
C LEU A 34 -19.36 -30.30 5.95
N ASP A 35 -18.22 -29.59 5.93
CA ASP A 35 -17.56 -29.13 7.16
C ASP A 35 -18.58 -28.72 8.22
N ALA A 36 -19.55 -27.90 7.82
CA ALA A 36 -20.58 -27.41 8.73
C ALA A 36 -21.67 -28.43 9.09
N LEU A 37 -21.71 -29.56 8.40
CA LEU A 37 -22.60 -30.67 8.76
C LEU A 37 -22.01 -31.65 9.79
N VAL A 38 -20.82 -32.17 9.50
CA VAL A 38 -20.13 -33.10 10.37
C VAL A 38 -19.90 -32.43 11.73
N TYR A 39 -20.06 -31.11 11.77
CA TYR A 39 -20.07 -30.37 13.02
C TYR A 39 -21.41 -30.59 13.74
N ASP A 40 -22.48 -30.75 12.97
CA ASP A 40 -23.84 -30.88 13.52
C ASP A 40 -24.35 -32.32 13.67
N LEU A 41 -23.43 -33.28 13.73
CA LEU A 41 -23.80 -34.68 13.90
C LEU A 41 -22.82 -35.36 14.82
N ASP A 42 -21.68 -34.70 15.06
CA ASP A 42 -20.68 -35.24 15.97
C ASP A 42 -21.17 -35.11 17.41
N PHE A 43 -22.19 -35.88 17.75
CA PHE A 43 -22.70 -35.90 19.10
C PHE A 43 -23.03 -37.32 19.52
N PRO A 44 -22.90 -37.60 20.82
CA PRO A 44 -23.19 -38.95 21.28
C PRO A 44 -24.69 -39.11 21.18
N ALA A 45 -25.38 -38.02 21.51
CA ALA A 45 -26.83 -37.93 21.42
C ALA A 45 -27.34 -38.45 20.08
N LEU A 46 -26.74 -37.97 19.00
CA LEU A 46 -27.19 -38.25 17.64
C LEU A 46 -26.72 -39.58 17.06
N ARG A 47 -25.58 -40.06 17.54
CA ARG A 47 -24.99 -41.30 17.00
C ARG A 47 -25.59 -42.57 17.57
N LYS A 48 -26.50 -42.45 18.53
CA LYS A 48 -27.29 -43.62 18.93
C LYS A 48 -27.96 -44.18 17.66
N ASN A 49 -28.05 -43.36 16.62
CA ASN A 49 -28.52 -43.78 15.29
C ASN A 49 -27.36 -44.18 14.38
N LYS A 50 -27.44 -45.38 13.80
CA LYS A 50 -26.33 -45.95 13.03
C LYS A 50 -26.06 -45.29 11.66
N ASN A 51 -26.98 -44.45 11.19
CA ASN A 51 -26.74 -43.66 9.98
C ASN A 51 -25.64 -42.65 10.16
N ILE A 52 -25.87 -41.76 11.11
CA ILE A 52 -24.90 -40.77 11.53
C ILE A 52 -23.59 -41.41 11.94
N ASP A 53 -23.65 -42.40 12.82
CA ASP A 53 -22.45 -43.04 13.37
C ASP A 53 -21.58 -43.72 12.31
N ASN A 54 -22.15 -44.63 11.54
CA ASN A 54 -21.41 -45.35 10.50
C ASN A 54 -21.39 -44.61 9.16
N PHE A 55 -21.53 -43.29 9.26
CA PHE A 55 -21.18 -42.38 8.19
C PHE A 55 -20.08 -41.44 8.68
N LEU A 56 -20.31 -40.77 9.81
CA LEU A 56 -19.27 -39.92 10.40
C LEU A 56 -18.00 -40.75 10.62
N SER A 57 -18.16 -42.08 10.63
CA SER A 57 -17.05 -43.01 10.67
C SER A 57 -16.34 -42.98 9.31
N ARG A 58 -17.13 -43.12 8.26
CA ARG A 58 -16.67 -43.00 6.88
C ARG A 58 -15.71 -41.81 6.64
N TYR A 59 -16.04 -40.66 7.24
CA TYR A 59 -15.37 -39.40 6.89
C TYR A 59 -14.50 -38.80 7.98
N LYS A 60 -14.33 -39.49 9.10
CA LYS A 60 -13.43 -39.01 10.15
C LYS A 60 -12.05 -38.64 9.59
N ASP A 61 -11.39 -39.65 9.02
CA ASP A 61 -9.98 -39.53 8.65
C ASP A 61 -9.73 -38.66 7.42
N THR A 62 -10.76 -37.99 6.93
CA THR A 62 -10.54 -36.98 5.88
C THR A 62 -11.15 -35.65 6.27
N ILE A 63 -12.22 -35.69 7.07
CA ILE A 63 -12.82 -34.46 7.57
C ILE A 63 -11.82 -33.76 8.48
N ASN A 64 -10.90 -34.55 9.05
CA ASN A 64 -9.82 -33.99 9.84
C ASN A 64 -8.70 -33.49 8.94
N LYS A 65 -8.27 -34.34 8.00
CA LYS A 65 -7.16 -34.03 7.08
C LYS A 65 -7.44 -32.74 6.36
N ILE A 66 -8.69 -32.30 6.42
CA ILE A 66 -9.13 -31.17 5.62
C ILE A 66 -9.25 -29.85 6.41
N ARG A 67 -9.98 -29.84 7.52
CA ARG A 67 -10.10 -28.61 8.30
C ARG A 67 -8.70 -28.10 8.60
N ASP A 68 -7.74 -29.02 8.47
CA ASP A 68 -6.32 -28.75 8.64
C ASP A 68 -5.79 -27.78 7.57
N LEU A 69 -6.38 -27.83 6.38
CA LEU A 69 -5.92 -27.00 5.25
C LEU A 69 -6.72 -25.70 5.07
N ARG A 70 -8.00 -25.83 4.78
CA ARG A 70 -8.86 -24.68 4.49
C ARG A 70 -8.60 -23.54 5.46
N MET A 71 -8.05 -22.47 4.89
CA MET A 71 -7.70 -21.25 5.61
C MET A 71 -8.25 -21.27 7.02
N LYS A 72 -7.55 -21.95 7.92
CA LYS A 72 -8.03 -22.03 9.28
C LYS A 72 -7.78 -20.71 10.04
N ALA A 73 -8.48 -20.51 11.15
CA ALA A 73 -8.44 -19.24 11.85
C ALA A 73 -7.04 -18.82 12.34
N GLU A 74 -6.31 -19.72 12.98
CA GLU A 74 -5.01 -19.37 13.54
C GLU A 74 -3.89 -19.27 12.50
N ASP A 75 -4.26 -19.24 11.22
CA ASP A 75 -3.31 -18.94 10.17
C ASP A 75 -2.86 -17.50 10.39
N TYR A 76 -3.69 -16.74 11.11
CA TYR A 76 -3.37 -15.35 11.44
C TYR A 76 -3.01 -15.16 12.91
N GLU A 77 -1.90 -14.48 13.16
CA GLU A 77 -1.58 -13.96 14.49
C GLU A 77 -2.00 -12.51 14.48
N VAL A 78 -2.39 -11.98 15.64
CA VAL A 78 -3.03 -10.67 15.69
C VAL A 78 -2.20 -9.57 16.39
N VAL A 79 -2.40 -8.31 15.96
CA VAL A 79 -1.64 -7.17 16.49
C VAL A 79 -2.35 -6.42 17.63
N LYS A 80 -3.22 -5.47 17.28
CA LYS A 80 -4.08 -4.80 18.25
C LYS A 80 -5.53 -5.18 17.92
N VAL A 81 -6.44 -5.01 18.86
CA VAL A 81 -7.85 -5.06 18.52
C VAL A 81 -8.38 -3.64 18.42
N ILE A 82 -8.86 -3.29 17.24
CA ILE A 82 -9.21 -1.91 16.93
C ILE A 82 -10.69 -1.74 16.73
N GLY A 83 -11.48 -2.55 17.43
CA GLY A 83 -12.91 -2.42 17.31
C GLY A 83 -13.68 -3.58 17.91
N ARG A 84 -14.51 -3.29 18.90
CA ARG A 84 -15.54 -4.21 19.34
C ARG A 84 -16.80 -3.68 18.69
N GLY A 85 -17.84 -4.49 18.70
CA GLY A 85 -19.10 -4.09 18.11
C GLY A 85 -20.17 -5.09 18.42
N ALA A 86 -21.18 -5.11 17.57
CA ALA A 86 -22.31 -6.01 17.72
C ALA A 86 -21.86 -7.40 18.16
N PHE A 87 -21.67 -8.27 17.17
CA PHE A 87 -21.30 -9.65 17.42
C PHE A 87 -19.78 -9.83 17.37
N GLY A 88 -19.13 -9.71 18.52
CA GLY A 88 -17.68 -9.87 18.57
C GLY A 88 -16.92 -8.66 18.05
N GLU A 89 -15.62 -8.87 17.80
CA GLU A 89 -14.66 -7.78 17.58
C GLU A 89 -14.08 -7.70 16.16
N VAL A 90 -13.23 -6.70 15.92
CA VAL A 90 -12.43 -6.57 14.69
C VAL A 90 -10.97 -6.28 15.02
N GLN A 91 -10.08 -7.15 14.57
CA GLN A 91 -8.68 -7.08 14.93
C GLN A 91 -7.77 -6.85 13.75
N LEU A 92 -6.65 -6.21 14.00
CA LEU A 92 -5.62 -6.02 12.99
C LEU A 92 -4.71 -7.23 13.02
N VAL A 93 -4.80 -8.08 12.00
CA VAL A 93 -3.98 -9.30 11.96
C VAL A 93 -2.91 -9.30 10.84
N ARG A 94 -1.79 -9.97 11.13
CA ARG A 94 -0.72 -10.25 10.17
C ARG A 94 -0.74 -11.75 9.90
N HIS A 95 -0.68 -12.16 8.63
CA HIS A 95 -0.76 -13.58 8.29
C HIS A 95 0.55 -14.24 8.71
N LYS A 96 0.44 -15.30 9.52
CA LYS A 96 1.62 -15.95 10.10
C LYS A 96 2.62 -16.34 9.02
N SER A 97 2.09 -16.71 7.85
CA SER A 97 2.90 -17.06 6.69
C SER A 97 3.11 -15.91 5.68
N THR A 98 2.02 -15.39 5.12
CA THR A 98 2.12 -14.40 4.04
C THR A 98 2.72 -13.03 4.50
N ARG A 99 2.85 -12.83 5.80
CA ARG A 99 3.37 -11.60 6.40
C ARG A 99 2.61 -10.33 6.01
N LYS A 100 1.52 -10.50 5.27
CA LYS A 100 0.65 -9.41 4.85
C LYS A 100 -0.34 -9.04 5.96
N VAL A 101 -0.61 -7.75 6.11
CA VAL A 101 -1.49 -7.26 7.16
C VAL A 101 -2.90 -6.96 6.64
N TYR A 102 -3.88 -7.75 7.06
CA TYR A 102 -5.27 -7.44 6.73
C TYR A 102 -6.02 -7.03 8.03
N ALA A 103 -7.29 -6.68 7.92
CA ALA A 103 -8.07 -6.27 9.10
C ALA A 103 -9.30 -7.14 9.34
N MET A 104 -9.14 -8.18 10.16
CA MET A 104 -10.13 -9.26 10.30
C MET A 104 -11.37 -8.91 11.11
N LYS A 105 -12.52 -9.20 10.53
CA LYS A 105 -13.79 -9.04 11.21
C LYS A 105 -14.21 -10.40 11.76
N LEU A 106 -14.57 -10.46 13.03
CA LEU A 106 -15.05 -11.71 13.64
C LEU A 106 -16.55 -11.61 13.92
N LEU A 107 -17.28 -12.68 13.63
CA LEU A 107 -18.71 -12.74 13.95
C LEU A 107 -19.06 -13.89 14.89
N SER A 108 -19.61 -13.53 16.05
CA SER A 108 -19.93 -14.49 17.10
C SER A 108 -21.08 -15.39 16.66
N LYS A 109 -20.80 -16.64 16.31
CA LYS A 109 -21.86 -17.51 15.80
C LYS A 109 -22.98 -17.74 16.81
N PHE A 110 -22.64 -18.16 18.01
CA PHE A 110 -23.67 -18.41 19.03
C PHE A 110 -24.55 -17.19 19.26
N GLU A 111 -23.92 -16.03 19.42
CA GLU A 111 -24.64 -14.80 19.73
C GLU A 111 -25.37 -14.23 18.52
N MET A 112 -25.13 -14.82 17.35
CA MET A 112 -25.73 -14.36 16.10
C MET A 112 -27.03 -15.08 15.78
N ILE A 113 -27.24 -16.22 16.43
CA ILE A 113 -28.51 -16.94 16.30
C ILE A 113 -29.41 -16.68 17.51
N LYS A 114 -28.82 -16.27 18.63
CA LYS A 114 -29.59 -15.75 19.75
C LYS A 114 -30.27 -14.40 19.39
N ARG A 115 -29.51 -13.42 18.90
CA ARG A 115 -30.08 -12.14 18.44
C ARG A 115 -30.93 -12.33 17.18
N SER A 116 -31.09 -13.59 16.77
CA SER A 116 -31.94 -14.01 15.63
C SER A 116 -31.63 -13.32 14.29
N ASP A 117 -30.37 -12.95 14.08
CA ASP A 117 -29.89 -12.40 12.81
C ASP A 117 -28.96 -13.39 12.14
N SER A 118 -29.47 -14.52 11.69
CA SER A 118 -28.60 -15.54 11.13
C SER A 118 -28.30 -15.29 9.66
N ALA A 119 -28.64 -14.10 9.19
CA ALA A 119 -28.24 -13.67 7.85
C ALA A 119 -28.61 -12.22 7.56
N PHE A 120 -27.62 -11.34 7.69
CA PHE A 120 -27.77 -9.93 7.41
C PHE A 120 -26.51 -9.53 6.69
N PHE A 121 -25.62 -10.50 6.56
CA PHE A 121 -24.28 -10.23 6.05
C PHE A 121 -24.06 -10.61 4.59
N TRP A 122 -24.87 -11.52 4.05
CA TRP A 122 -24.60 -12.05 2.72
C TRP A 122 -24.39 -10.93 1.68
N GLU A 123 -25.06 -9.79 1.88
CA GLU A 123 -24.91 -8.64 1.00
C GLU A 123 -23.58 -7.93 1.25
N GLU A 124 -23.11 -7.98 2.48
CA GLU A 124 -21.79 -7.45 2.84
C GLU A 124 -20.66 -8.33 2.30
N ARG A 125 -20.97 -9.60 2.00
CA ARG A 125 -19.99 -10.49 1.37
C ARG A 125 -19.89 -10.11 -0.08
N ASP A 126 -21.02 -10.16 -0.78
CA ASP A 126 -21.06 -9.73 -2.18
C ASP A 126 -20.37 -8.38 -2.32
N ILE A 127 -20.98 -7.33 -1.74
CA ILE A 127 -20.47 -5.97 -1.92
C ILE A 127 -18.97 -5.85 -1.74
N MET A 128 -18.46 -6.28 -0.59
CA MET A 128 -17.05 -6.07 -0.26
C MET A 128 -16.09 -6.82 -1.18
N ALA A 129 -16.51 -7.93 -1.75
CA ALA A 129 -15.59 -8.75 -2.50
C ALA A 129 -15.75 -8.63 -4.01
N PHE A 130 -16.87 -8.04 -4.44
CA PHE A 130 -17.25 -8.08 -5.84
C PHE A 130 -17.37 -6.71 -6.49
N ALA A 131 -17.89 -5.72 -5.76
CA ALA A 131 -17.85 -4.36 -6.26
C ALA A 131 -16.40 -3.91 -6.27
N ASN A 132 -15.63 -4.37 -7.25
CA ASN A 132 -14.29 -3.85 -7.37
C ASN A 132 -14.50 -2.35 -7.35
N SER A 133 -14.00 -1.71 -6.31
CA SER A 133 -14.13 -0.26 -6.17
C SER A 133 -13.09 0.31 -5.21
N PRO A 134 -12.76 1.58 -5.42
CA PRO A 134 -11.82 2.31 -4.57
C PRO A 134 -12.61 3.05 -3.51
N TRP A 135 -13.94 2.91 -3.56
CA TRP A 135 -14.80 3.43 -2.51
C TRP A 135 -15.14 2.29 -1.55
N VAL A 136 -14.91 1.05 -1.98
CA VAL A 136 -15.24 -0.09 -1.17
C VAL A 136 -14.01 -0.83 -0.62
N VAL A 137 -14.15 -1.29 0.61
CA VAL A 137 -13.09 -1.98 1.35
C VAL A 137 -13.01 -3.43 0.91
N GLN A 138 -11.91 -3.78 0.24
CA GLN A 138 -11.76 -5.09 -0.41
C GLN A 138 -11.85 -6.27 0.55
N LEU A 139 -12.66 -7.27 0.20
CA LEU A 139 -12.78 -8.49 1.00
C LEU A 139 -11.90 -9.58 0.39
N PHE A 140 -10.79 -9.90 1.05
CA PHE A 140 -9.78 -10.77 0.46
C PHE A 140 -10.05 -12.26 0.62
N TYR A 141 -10.42 -12.68 1.83
CA TYR A 141 -10.78 -14.07 2.10
C TYR A 141 -11.96 -14.09 3.06
N ALA A 142 -12.89 -15.02 2.85
CA ALA A 142 -14.00 -15.19 3.77
C ALA A 142 -14.12 -16.65 4.16
N PHE A 143 -13.75 -16.96 5.39
CA PHE A 143 -13.75 -18.34 5.86
C PHE A 143 -14.42 -18.46 7.23
N GLN A 144 -14.89 -19.66 7.55
CA GLN A 144 -15.56 -19.88 8.82
C GLN A 144 -14.97 -21.09 9.52
N ASP A 145 -15.28 -21.22 10.81
CA ASP A 145 -15.04 -22.44 11.55
C ASP A 145 -16.31 -22.74 12.36
N ASP A 146 -16.18 -23.49 13.45
CA ASP A 146 -17.37 -23.86 14.22
C ASP A 146 -17.98 -22.69 15.02
N ARG A 147 -17.15 -21.90 15.69
CA ARG A 147 -17.63 -20.89 16.64
C ARG A 147 -17.90 -19.50 16.06
N TYR A 148 -17.06 -19.06 15.11
CA TYR A 148 -17.19 -17.72 14.54
C TYR A 148 -17.24 -17.70 13.00
N LEU A 149 -17.37 -16.50 12.44
CA LEU A 149 -17.16 -16.25 11.03
C LEU A 149 -15.91 -15.38 10.85
N TYR A 150 -15.39 -15.26 9.64
CA TYR A 150 -14.25 -14.38 9.40
C TYR A 150 -14.30 -13.64 8.05
N MET A 151 -13.86 -12.39 8.06
CA MET A 151 -13.76 -11.60 6.86
C MET A 151 -12.45 -10.83 6.92
N VAL A 152 -11.51 -11.23 6.08
CA VAL A 152 -10.23 -10.57 6.04
C VAL A 152 -10.31 -9.39 5.07
N MET A 153 -10.21 -8.16 5.59
CA MET A 153 -10.39 -6.95 4.81
C MET A 153 -9.11 -6.10 4.70
N GLU A 154 -8.90 -5.44 3.57
CA GLU A 154 -7.78 -4.50 3.49
C GLU A 154 -7.84 -3.52 4.65
N TYR A 155 -6.71 -3.24 5.27
CA TYR A 155 -6.70 -2.43 6.49
C TYR A 155 -6.66 -0.92 6.17
N MET A 156 -7.41 -0.14 6.96
CA MET A 156 -7.52 1.30 6.74
C MET A 156 -6.93 2.13 7.91
N PRO A 157 -5.64 2.52 7.82
CA PRO A 157 -4.86 3.16 8.89
C PRO A 157 -5.30 4.57 9.26
N GLY A 158 -6.29 5.11 8.56
CA GLY A 158 -6.72 6.48 8.79
C GLY A 158 -7.64 6.66 9.98
N GLY A 159 -8.45 5.64 10.25
CA GLY A 159 -9.40 5.67 11.35
C GLY A 159 -10.79 6.04 10.88
N ASP A 160 -11.77 5.99 11.76
CA ASP A 160 -13.09 6.40 11.36
C ASP A 160 -13.08 7.91 11.22
N LEU A 161 -14.19 8.45 10.71
CA LEU A 161 -14.38 9.90 10.59
C LEU A 161 -14.63 10.57 11.93
N VAL A 162 -15.00 9.79 12.94
CA VAL A 162 -15.24 10.31 14.28
C VAL A 162 -13.91 10.58 14.97
N ASN A 163 -12.94 9.70 14.78
CA ASN A 163 -11.59 9.93 15.26
C ASN A 163 -11.09 11.28 14.75
N LEU A 164 -11.59 11.70 13.59
CA LEU A 164 -11.22 12.97 13.02
C LEU A 164 -11.97 14.14 13.68
N MET A 165 -13.30 14.18 13.58
CA MET A 165 -14.11 15.32 14.05
C MET A 165 -13.90 15.71 15.51
N SER A 166 -13.19 14.86 16.24
CA SER A 166 -12.91 15.07 17.64
C SER A 166 -11.47 15.53 17.85
N ASN A 167 -10.62 15.22 16.87
CA ASN A 167 -9.21 15.62 16.91
C ASN A 167 -8.87 16.84 16.02
N TYR A 168 -9.81 17.25 15.17
CA TYR A 168 -9.70 18.52 14.44
C TYR A 168 -11.00 19.31 14.55
N ASP A 169 -10.96 20.59 14.20
CA ASP A 169 -12.19 21.36 14.14
C ASP A 169 -12.46 21.69 12.68
N VAL A 170 -12.98 20.69 11.98
CA VAL A 170 -13.26 20.75 10.54
C VAL A 170 -13.73 22.11 9.97
N PRO A 171 -13.00 22.67 8.97
CA PRO A 171 -13.30 23.87 8.18
C PRO A 171 -14.16 23.54 6.96
N GLU A 172 -14.76 24.54 6.33
CA GLU A 172 -15.60 24.26 5.17
C GLU A 172 -14.77 23.71 4.02
N LYS A 173 -13.56 24.24 3.81
CA LYS A 173 -12.68 23.71 2.78
C LYS A 173 -12.72 22.18 2.83
N TRP A 174 -12.76 21.65 4.05
CA TRP A 174 -12.72 20.22 4.30
C TRP A 174 -14.08 19.55 4.15
N ALA A 175 -15.11 20.12 4.78
CA ALA A 175 -16.45 19.53 4.71
C ALA A 175 -17.00 19.49 3.28
N ARG A 176 -16.36 20.21 2.36
CA ARG A 176 -16.66 20.10 0.95
C ARG A 176 -16.07 18.80 0.43
N PHE A 177 -14.88 18.47 0.90
CA PHE A 177 -14.13 17.29 0.46
C PHE A 177 -14.77 16.00 0.96
N TYR A 178 -14.62 15.74 2.26
CA TYR A 178 -15.11 14.49 2.86
C TYR A 178 -16.57 14.22 2.49
N THR A 179 -17.35 15.26 2.26
CA THR A 179 -18.75 15.10 1.85
C THR A 179 -18.89 14.57 0.42
N ALA A 180 -18.34 15.29 -0.56
CA ALA A 180 -18.48 14.88 -1.95
C ALA A 180 -17.75 13.57 -2.29
N GLU A 181 -16.84 13.14 -1.42
CA GLU A 181 -16.21 11.82 -1.55
C GLU A 181 -17.11 10.74 -1.00
N VAL A 182 -18.11 11.16 -0.22
CA VAL A 182 -19.10 10.23 0.26
C VAL A 182 -20.19 10.17 -0.78
N VAL A 183 -20.61 11.33 -1.27
CA VAL A 183 -21.64 11.36 -2.27
C VAL A 183 -21.28 10.40 -3.39
N LEU A 184 -20.01 10.38 -3.77
CA LEU A 184 -19.57 9.47 -4.82
C LEU A 184 -19.66 8.01 -4.39
N ALA A 185 -19.13 7.70 -3.21
CA ALA A 185 -19.13 6.32 -2.70
C ALA A 185 -20.51 5.81 -2.32
N LEU A 186 -21.53 6.65 -2.48
CA LEU A 186 -22.89 6.20 -2.25
C LEU A 186 -23.55 5.93 -3.60
N ASP A 187 -23.43 6.87 -4.54
CA ASP A 187 -23.96 6.65 -5.89
C ASP A 187 -23.18 5.51 -6.51
N ALA A 188 -22.13 5.09 -5.81
CA ALA A 188 -21.48 3.84 -6.13
C ALA A 188 -22.44 2.74 -5.72
N ILE A 189 -22.68 2.66 -4.43
CA ILE A 189 -23.46 1.57 -3.87
C ILE A 189 -24.94 1.62 -4.25
N HIS A 190 -25.41 2.70 -4.85
CA HIS A 190 -26.77 2.68 -5.37
C HIS A 190 -26.79 2.01 -6.73
N SER A 191 -25.81 2.34 -7.56
CA SER A 191 -25.83 1.83 -8.90
C SER A 191 -25.03 0.55 -8.97
N MET A 192 -24.68 0.03 -7.79
CA MET A 192 -24.25 -1.37 -7.66
C MET A 192 -25.51 -2.18 -7.34
N GLY A 193 -26.65 -1.47 -7.27
CA GLY A 193 -27.96 -2.07 -7.09
C GLY A 193 -28.65 -1.85 -5.75
N PHE A 194 -27.89 -1.42 -4.74
CA PHE A 194 -28.31 -1.45 -3.33
C PHE A 194 -28.84 -0.15 -2.69
N ILE A 195 -28.65 -0.07 -1.37
CA ILE A 195 -29.05 1.03 -0.50
C ILE A 195 -28.34 0.76 0.81
N HIS A 196 -27.63 1.73 1.38
CA HIS A 196 -26.83 1.45 2.58
C HIS A 196 -27.66 1.41 3.88
N ARG A 197 -28.13 2.57 4.34
CA ARG A 197 -29.02 2.69 5.51
C ARG A 197 -28.33 2.94 6.85
N ASP A 198 -27.13 2.42 7.02
CA ASP A 198 -26.30 2.77 8.16
C ASP A 198 -25.15 3.67 7.71
N VAL A 199 -25.43 4.96 7.60
CA VAL A 199 -24.50 5.91 7.02
C VAL A 199 -24.00 6.86 8.09
N LYS A 200 -22.91 6.53 8.77
CA LYS A 200 -22.40 7.41 9.82
C LYS A 200 -20.88 7.60 9.75
N PRO A 201 -20.33 8.56 10.50
CA PRO A 201 -18.88 8.73 10.49
C PRO A 201 -18.16 7.53 11.10
N ASP A 202 -18.85 6.73 11.92
CA ASP A 202 -18.28 5.50 12.46
C ASP A 202 -17.95 4.49 11.36
N ASN A 203 -18.65 4.61 10.22
CA ASN A 203 -18.53 3.70 9.08
C ASN A 203 -17.75 4.26 7.87
N MET A 204 -17.00 5.32 8.10
CA MET A 204 -16.14 5.87 7.06
C MET A 204 -14.67 5.76 7.47
N LEU A 205 -13.87 5.01 6.69
CA LEU A 205 -12.46 4.81 6.99
C LEU A 205 -11.57 5.53 5.99
N LEU A 206 -10.28 5.61 6.30
CA LEU A 206 -9.33 6.38 5.48
C LEU A 206 -8.10 5.57 5.05
N ASP A 207 -7.89 5.42 3.74
CA ASP A 207 -6.71 4.73 3.26
C ASP A 207 -5.46 5.56 3.52
N LYS A 208 -4.32 4.89 3.63
CA LYS A 208 -3.05 5.54 3.94
C LYS A 208 -2.74 6.74 3.06
N SER A 209 -3.63 7.01 2.08
CA SER A 209 -3.48 8.10 1.14
C SER A 209 -4.27 9.32 1.60
N GLY A 210 -5.09 9.13 2.63
CA GLY A 210 -5.92 10.19 3.21
C GLY A 210 -7.37 10.27 2.71
N HIS A 211 -7.61 9.68 1.53
CA HIS A 211 -8.94 9.65 0.92
C HIS A 211 -9.78 8.60 1.63
N LEU A 212 -11.00 8.38 1.13
CA LEU A 212 -12.02 7.65 1.89
C LEU A 212 -12.58 6.37 1.23
N LYS A 213 -13.06 5.45 2.07
CA LYS A 213 -13.66 4.18 1.66
C LYS A 213 -14.77 3.88 2.67
N LEU A 214 -15.75 3.05 2.34
CA LEU A 214 -16.75 2.68 3.33
C LEU A 214 -16.56 1.23 3.77
N ALA A 215 -16.94 0.90 5.00
CA ALA A 215 -17.11 -0.50 5.42
C ALA A 215 -18.38 -0.70 6.25
N ASP A 216 -18.60 -1.91 6.75
CA ASP A 216 -19.88 -2.28 7.36
C ASP A 216 -21.04 -2.13 6.37
N PHE A 217 -21.59 -3.26 5.95
CA PHE A 217 -22.66 -3.24 4.98
C PHE A 217 -23.78 -4.14 5.43
N GLY A 218 -23.87 -4.37 6.74
CA GLY A 218 -24.92 -5.21 7.27
C GLY A 218 -26.28 -4.71 6.79
N THR A 219 -26.52 -3.43 7.01
CA THR A 219 -27.80 -2.81 6.76
C THR A 219 -28.29 -2.86 5.30
N CYS A 220 -27.37 -3.08 4.35
CA CYS A 220 -27.68 -2.94 2.91
C CYS A 220 -28.89 -3.74 2.42
N MET A 221 -29.31 -3.51 1.18
CA MET A 221 -30.45 -4.24 0.61
C MET A 221 -30.79 -3.90 -0.85
N LYS A 222 -30.58 -4.86 -1.76
CA LYS A 222 -30.84 -4.65 -3.18
C LYS A 222 -32.24 -4.08 -3.39
N MET A 223 -32.33 -2.98 -4.13
CA MET A 223 -33.59 -2.34 -4.40
C MET A 223 -34.41 -3.21 -5.33
N ASN A 224 -35.73 -3.12 -5.23
CA ASN A 224 -36.60 -3.88 -6.10
C ASN A 224 -36.50 -3.38 -7.54
N LYS A 225 -37.45 -3.80 -8.36
CA LYS A 225 -37.54 -3.39 -9.77
C LYS A 225 -37.59 -1.87 -9.96
N GLU A 226 -38.48 -1.20 -9.24
CA GLU A 226 -38.76 0.22 -9.47
C GLU A 226 -37.91 1.18 -8.64
N GLY A 227 -37.01 0.64 -7.82
CA GLY A 227 -36.05 1.45 -7.09
C GLY A 227 -36.25 1.62 -5.59
N MET A 228 -37.39 1.12 -5.10
CA MET A 228 -37.74 1.25 -3.69
C MET A 228 -37.41 -0.04 -2.91
N VAL A 229 -37.95 -0.17 -1.70
CA VAL A 229 -37.71 -1.31 -0.82
C VAL A 229 -38.87 -1.43 0.19
N ARG A 230 -39.29 -2.65 0.53
CA ARG A 230 -40.33 -2.85 1.55
C ARG A 230 -39.77 -3.51 2.82
N CYS A 231 -39.97 -2.84 3.96
CA CYS A 231 -39.27 -3.20 5.20
C CYS A 231 -39.91 -2.52 6.40
N ASP A 232 -40.36 -3.32 7.37
CA ASP A 232 -41.00 -2.80 8.57
C ASP A 232 -40.16 -3.00 9.84
N THR A 233 -38.90 -2.63 9.73
CA THR A 233 -37.95 -2.65 10.83
C THR A 233 -36.97 -1.46 10.74
N ALA A 234 -36.72 -0.81 11.87
CA ALA A 234 -35.88 0.38 11.90
C ALA A 234 -34.40 -0.02 11.91
N VAL A 235 -33.56 0.73 11.21
CA VAL A 235 -32.16 0.34 11.08
C VAL A 235 -31.16 1.50 10.99
N GLY A 236 -30.02 1.34 11.67
CA GLY A 236 -28.96 2.33 11.67
C GLY A 236 -28.93 3.12 12.97
N THR A 237 -27.78 3.74 13.23
CA THR A 237 -27.62 4.59 14.40
C THR A 237 -28.71 5.69 14.42
N PRO A 238 -29.20 6.06 15.62
CA PRO A 238 -30.39 6.91 15.79
C PRO A 238 -30.21 8.43 15.62
N ASP A 239 -28.99 8.94 15.59
CA ASP A 239 -28.78 10.34 15.27
C ASP A 239 -28.97 10.60 13.78
N TYR A 240 -28.50 9.65 12.97
CA TYR A 240 -28.46 9.79 11.52
C TYR A 240 -29.63 9.12 10.82
N ILE A 241 -30.63 8.68 11.58
CA ILE A 241 -31.67 7.84 11.01
C ILE A 241 -32.60 8.71 10.17
N SER A 242 -33.01 8.19 9.01
CA SER A 242 -33.95 8.86 8.12
C SER A 242 -35.30 8.97 8.83
N PRO A 243 -36.19 9.87 8.36
CA PRO A 243 -37.49 9.93 9.02
C PRO A 243 -38.41 8.89 8.42
N GLU A 244 -38.15 8.49 7.18
CA GLU A 244 -38.94 7.44 6.54
C GLU A 244 -38.60 6.07 7.11
N VAL A 245 -37.29 5.82 7.29
CA VAL A 245 -36.74 4.55 7.80
C VAL A 245 -37.13 4.33 9.25
N LEU A 246 -37.41 5.44 9.92
CA LEU A 246 -37.85 5.43 11.31
C LEU A 246 -39.31 5.08 11.39
N LYS A 247 -40.16 5.96 10.88
CA LYS A 247 -41.59 5.76 10.93
C LYS A 247 -42.02 4.50 10.17
N SER A 248 -41.05 3.71 9.71
CA SER A 248 -41.32 2.40 9.13
C SER A 248 -41.39 1.34 10.24
N GLN A 249 -40.50 1.42 11.20
CA GLN A 249 -40.55 0.58 12.38
C GLN A 249 -42.00 0.30 12.80
N GLY A 250 -42.52 -0.86 12.40
CA GLY A 250 -43.93 -1.17 12.60
C GLY A 250 -44.88 -0.35 11.72
N GLY A 251 -44.94 -0.69 10.45
CA GLY A 251 -45.78 -0.01 9.47
C GLY A 251 -45.35 -0.37 8.05
N ASP A 252 -46.26 -0.21 7.10
CA ASP A 252 -45.91 -0.45 5.70
C ASP A 252 -44.80 0.52 5.34
N GLY A 253 -43.58 0.19 5.75
CA GLY A 253 -42.43 1.00 5.36
C GLY A 253 -42.08 0.67 3.92
N TYR A 254 -41.82 1.69 3.12
CA TYR A 254 -41.51 1.47 1.72
C TYR A 254 -40.71 2.69 1.24
N TYR A 255 -39.39 2.55 1.19
CA TYR A 255 -38.52 3.67 0.84
C TYR A 255 -37.58 3.45 -0.35
N GLY A 256 -37.16 4.56 -0.98
CA GLY A 256 -36.19 4.52 -2.06
C GLY A 256 -34.76 4.67 -1.52
N ARG A 257 -33.90 5.38 -2.25
CA ARG A 257 -32.57 5.67 -1.72
C ARG A 257 -32.41 7.11 -1.20
N GLU A 258 -33.49 7.86 -1.08
CA GLU A 258 -33.40 9.19 -0.47
C GLU A 258 -33.04 9.08 1.02
N CYS A 259 -32.99 7.86 1.53
CA CYS A 259 -32.74 7.60 2.93
C CYS A 259 -31.26 7.53 3.27
N ASP A 260 -30.42 7.44 2.26
CA ASP A 260 -28.99 7.55 2.48
C ASP A 260 -28.69 9.02 2.38
N TRP A 261 -29.50 9.73 1.58
CA TRP A 261 -29.22 11.14 1.32
C TRP A 261 -29.42 11.95 2.60
N TRP A 262 -30.53 11.73 3.27
CA TRP A 262 -30.77 12.44 4.53
C TRP A 262 -29.62 12.23 5.49
N SER A 263 -29.21 10.97 5.63
CA SER A 263 -28.12 10.64 6.51
C SER A 263 -26.89 11.52 6.24
N VAL A 264 -26.67 11.84 4.97
CA VAL A 264 -25.53 12.68 4.59
C VAL A 264 -25.65 14.13 5.06
N GLY A 265 -26.85 14.68 5.06
CA GLY A 265 -27.05 16.04 5.53
C GLY A 265 -26.74 16.14 7.02
N VAL A 266 -27.17 15.14 7.78
CA VAL A 266 -26.93 15.05 9.22
C VAL A 266 -25.44 14.95 9.52
N PHE A 267 -24.65 14.64 8.49
CA PHE A 267 -23.20 14.50 8.63
C PHE A 267 -22.48 15.80 8.25
N LEU A 268 -22.98 16.46 7.22
CA LEU A 268 -22.48 17.78 6.81
C LEU A 268 -22.74 18.74 7.94
N TYR A 269 -23.61 18.34 8.85
CA TYR A 269 -23.94 19.12 10.04
C TYR A 269 -23.02 18.76 11.20
N GLU A 270 -22.91 17.48 11.56
CA GLU A 270 -22.03 17.10 12.67
C GLU A 270 -20.59 17.58 12.45
N MET A 271 -20.25 17.89 11.21
CA MET A 271 -18.91 18.33 10.86
C MET A 271 -18.68 19.82 11.08
N LEU A 272 -19.69 20.62 10.74
CA LEU A 272 -19.55 22.07 10.76
C LEU A 272 -20.09 22.71 12.03
N VAL A 273 -20.71 21.93 12.91
CA VAL A 273 -21.23 22.48 14.15
C VAL A 273 -20.72 21.75 15.40
N GLY A 274 -20.38 20.47 15.28
CA GLY A 274 -19.65 19.78 16.34
C GLY A 274 -20.49 18.79 17.13
N ASP A 275 -21.78 19.09 17.20
CA ASP A 275 -22.74 18.15 17.75
C ASP A 275 -23.72 17.78 16.64
N THR A 276 -24.54 16.76 16.85
CA THR A 276 -25.51 16.32 15.85
C THR A 276 -26.73 17.23 15.88
N PRO A 277 -27.57 17.20 14.83
CA PRO A 277 -28.67 18.16 14.73
C PRO A 277 -29.91 17.75 15.53
N PHE A 278 -30.02 16.46 15.86
CA PHE A 278 -31.17 15.97 16.62
C PHE A 278 -30.76 15.26 17.88
N TYR A 279 -29.82 15.85 18.61
CA TYR A 279 -29.39 15.28 19.87
C TYR A 279 -30.46 15.42 20.96
N ALA A 280 -30.39 14.53 21.95
CA ALA A 280 -31.29 14.57 23.07
C ALA A 280 -30.89 13.46 24.05
N ASP A 281 -31.07 13.73 25.32
CA ASP A 281 -30.76 12.77 26.36
C ASP A 281 -31.16 11.32 26.05
N SER A 282 -32.38 11.13 25.52
CA SER A 282 -33.03 9.82 25.51
C SER A 282 -33.07 9.11 24.17
N LEU A 283 -33.00 7.78 24.20
CA LEU A 283 -33.15 6.95 22.99
C LEU A 283 -34.39 7.38 22.23
N VAL A 284 -35.40 7.77 23.00
CA VAL A 284 -36.73 8.17 22.54
C VAL A 284 -36.83 9.68 22.38
N GLY A 285 -35.86 10.38 22.93
CA GLY A 285 -35.84 11.83 22.89
C GLY A 285 -35.18 12.33 21.63
N THR A 286 -34.22 11.55 21.12
CA THR A 286 -33.52 11.85 19.87
C THR A 286 -34.37 11.44 18.68
N TYR A 287 -35.37 10.58 18.92
CA TYR A 287 -36.33 10.19 17.87
C TYR A 287 -37.42 11.26 17.70
N SER A 288 -37.77 11.94 18.79
CA SER A 288 -38.81 12.97 18.73
C SER A 288 -38.29 14.27 18.14
N LYS A 289 -37.00 14.53 18.28
CA LYS A 289 -36.42 15.68 17.62
C LYS A 289 -36.50 15.46 16.11
N ILE A 290 -36.26 14.23 15.66
CA ILE A 290 -36.25 13.91 14.23
C ILE A 290 -37.64 14.04 13.66
N MET A 291 -38.61 13.49 14.37
CA MET A 291 -39.97 13.50 13.89
C MET A 291 -40.36 14.97 13.59
N ASN A 292 -40.18 15.84 14.57
CA ASN A 292 -40.57 17.24 14.41
C ASN A 292 -39.50 18.04 13.67
N HIS A 293 -38.91 17.49 12.63
CA HIS A 293 -37.76 18.15 12.03
C HIS A 293 -38.03 19.55 11.46
N LYS A 294 -39.10 19.71 10.69
CA LYS A 294 -39.42 21.04 10.18
C LYS A 294 -39.31 22.11 11.29
N ASN A 295 -39.48 21.68 12.54
CA ASN A 295 -39.48 22.62 13.67
C ASN A 295 -38.25 22.53 14.60
N SER A 296 -37.58 21.38 14.66
CA SER A 296 -36.52 21.18 15.65
C SER A 296 -35.08 21.40 15.16
N LEU A 297 -34.87 21.37 13.85
CA LEU A 297 -33.56 21.65 13.25
C LEU A 297 -33.16 23.11 13.42
N THR A 298 -31.94 23.36 13.89
CA THR A 298 -31.52 24.71 14.19
C THR A 298 -30.02 24.88 14.39
N PHE A 299 -29.47 25.86 13.67
CA PHE A 299 -28.05 26.25 13.77
C PHE A 299 -27.86 27.30 14.87
N PRO A 300 -26.74 27.22 15.59
CA PRO A 300 -26.40 28.16 16.67
C PRO A 300 -26.18 29.60 16.19
N ASP A 301 -25.65 30.46 17.07
CA ASP A 301 -25.41 31.86 16.71
C ASP A 301 -24.32 32.04 15.65
N ASP A 302 -24.32 31.16 14.66
CA ASP A 302 -23.33 31.22 13.57
C ASP A 302 -23.90 31.56 12.20
N ASN A 303 -23.46 32.69 11.67
CA ASN A 303 -23.71 33.08 10.28
C ASN A 303 -22.40 33.01 9.47
N ASP A 304 -21.39 32.40 10.08
CA ASP A 304 -20.11 32.12 9.41
C ASP A 304 -20.23 30.80 8.68
N ILE A 305 -21.22 30.00 9.11
CA ILE A 305 -21.73 28.91 8.30
C ILE A 305 -22.17 29.50 6.97
N SER A 306 -21.36 29.31 5.94
CA SER A 306 -21.62 29.98 4.66
C SER A 306 -23.08 29.84 4.25
N LYS A 307 -23.64 30.89 3.67
CA LYS A 307 -25.03 30.86 3.24
C LYS A 307 -25.39 29.54 2.55
N GLU A 308 -24.55 29.12 1.62
CA GLU A 308 -24.87 27.96 0.78
C GLU A 308 -24.46 26.61 1.36
N ALA A 309 -24.09 26.58 2.63
CA ALA A 309 -23.82 25.32 3.29
C ALA A 309 -25.00 25.00 4.19
N LYS A 310 -25.40 25.99 4.99
CA LYS A 310 -26.62 25.86 5.78
C LYS A 310 -27.72 25.54 4.79
N ASN A 311 -27.51 25.98 3.55
CA ASN A 311 -28.53 25.84 2.51
C ASN A 311 -28.57 24.48 1.85
N LEU A 312 -27.49 23.71 2.00
CA LEU A 312 -27.44 22.34 1.49
C LEU A 312 -27.99 21.42 2.55
N ILE A 313 -27.53 21.63 3.78
CA ILE A 313 -28.02 20.86 4.91
C ILE A 313 -29.52 20.82 4.91
N CYS A 314 -30.14 21.96 4.62
CA CYS A 314 -31.59 22.09 4.63
C CYS A 314 -32.30 21.53 3.41
N ALA A 315 -31.52 21.00 2.46
CA ALA A 315 -32.10 20.40 1.28
C ALA A 315 -32.09 18.91 1.41
N PHE A 316 -31.19 18.41 2.25
CA PHE A 316 -31.18 16.99 2.61
C PHE A 316 -32.11 16.73 3.78
N LEU A 317 -31.93 17.52 4.84
CA LEU A 317 -32.75 17.39 6.04
C LEU A 317 -34.16 17.94 5.80
N THR A 318 -35.02 17.13 5.19
CA THR A 318 -36.39 17.54 4.88
C THR A 318 -37.22 16.36 4.34
N ASP A 319 -38.54 16.53 4.29
CA ASP A 319 -39.43 15.46 3.84
C ASP A 319 -38.86 14.73 2.63
N ARG A 320 -39.23 13.47 2.44
CA ARG A 320 -38.58 12.66 1.42
C ARG A 320 -38.96 13.03 -0.02
N GLU A 321 -40.20 13.42 -0.23
CA GLU A 321 -40.67 13.80 -1.57
C GLU A 321 -40.08 15.13 -2.03
N VAL A 322 -39.47 15.85 -1.10
CA VAL A 322 -38.85 17.13 -1.38
C VAL A 322 -37.34 16.98 -1.43
N ARG A 323 -36.82 15.97 -0.72
CA ARG A 323 -35.38 15.87 -0.43
C ARG A 323 -34.46 15.84 -1.64
N LEU A 324 -33.50 16.76 -1.63
CA LEU A 324 -32.46 16.83 -2.65
C LEU A 324 -31.90 15.45 -3.00
N GLY A 325 -31.90 15.12 -4.30
CA GLY A 325 -31.44 13.83 -4.75
C GLY A 325 -32.62 12.94 -5.08
N ARG A 326 -33.81 13.45 -4.81
CA ARG A 326 -35.05 12.75 -5.11
C ARG A 326 -35.11 12.51 -6.61
N ASN A 327 -34.66 13.49 -7.40
CA ASN A 327 -34.74 13.39 -8.84
C ASN A 327 -33.40 13.34 -9.54
N GLY A 328 -32.50 12.52 -9.01
CA GLY A 328 -31.20 12.33 -9.64
C GLY A 328 -30.04 12.53 -8.67
N VAL A 329 -29.06 11.62 -8.73
CA VAL A 329 -27.86 11.77 -7.92
C VAL A 329 -27.07 12.96 -8.46
N GLU A 330 -27.56 13.49 -9.58
CA GLU A 330 -26.84 14.53 -10.30
C GLU A 330 -27.11 15.90 -9.72
N GLU A 331 -28.36 16.19 -9.37
CA GLU A 331 -28.72 17.53 -8.87
C GLU A 331 -28.08 17.79 -7.51
N ILE A 332 -27.33 16.80 -7.03
CA ILE A 332 -26.57 16.90 -5.79
C ILE A 332 -25.18 17.46 -6.09
N LYS A 333 -24.54 16.91 -7.12
CA LYS A 333 -23.21 17.34 -7.54
C LYS A 333 -23.24 18.79 -7.99
N ARG A 334 -24.43 19.27 -8.32
CA ARG A 334 -24.60 20.62 -8.87
C ARG A 334 -24.84 21.68 -7.81
N HIS A 335 -24.75 21.35 -6.54
CA HIS A 335 -25.06 22.33 -5.48
C HIS A 335 -24.03 23.45 -5.46
N LEU A 336 -24.51 24.67 -5.20
CA LEU A 336 -23.66 25.86 -5.18
C LEU A 336 -22.53 25.75 -4.13
N PHE A 337 -22.50 24.61 -3.43
CA PHE A 337 -21.63 24.40 -2.27
C PHE A 337 -20.33 23.68 -2.64
N PHE A 338 -20.30 23.06 -3.80
CA PHE A 338 -19.09 22.38 -4.24
C PHE A 338 -18.34 23.21 -5.29
N LYS A 339 -18.63 24.51 -5.33
CA LYS A 339 -17.88 25.40 -6.21
C LYS A 339 -16.50 25.59 -5.62
N ASN A 340 -15.49 25.51 -6.47
CA ASN A 340 -14.11 25.68 -6.04
C ASN A 340 -13.11 25.55 -7.18
N ASP A 341 -12.01 26.27 -7.04
CA ASP A 341 -10.94 26.24 -8.02
C ASP A 341 -10.09 25.01 -7.76
N GLN A 342 -10.55 24.20 -6.81
CA GLN A 342 -9.75 23.09 -6.33
C GLN A 342 -10.04 21.75 -7.03
N TRP A 343 -11.19 21.64 -7.70
CA TRP A 343 -11.51 20.45 -8.53
C TRP A 343 -12.87 20.45 -9.23
N ALA A 344 -13.04 19.43 -10.07
CA ALA A 344 -14.35 18.90 -10.42
C ALA A 344 -14.27 17.42 -10.02
N TRP A 345 -15.28 16.64 -10.40
CA TRP A 345 -15.62 15.42 -9.66
C TRP A 345 -14.90 14.13 -9.96
N GLU A 346 -14.70 13.82 -11.24
CA GLU A 346 -14.11 12.54 -11.65
C GLU A 346 -12.64 12.45 -11.23
N THR A 347 -12.15 13.55 -10.67
CA THR A 347 -10.76 13.69 -10.26
C THR A 347 -10.62 13.71 -8.74
N LEU A 348 -11.73 13.56 -8.02
CA LEU A 348 -11.68 13.74 -6.57
C LEU A 348 -10.73 12.78 -5.86
N ARG A 349 -10.98 11.47 -5.93
CA ARG A 349 -10.10 10.54 -5.22
C ARG A 349 -8.77 10.47 -5.93
N ASP A 350 -8.68 11.21 -7.03
CA ASP A 350 -7.43 11.41 -7.75
C ASP A 350 -6.59 12.49 -7.06
N THR A 351 -7.23 13.54 -6.54
CA THR A 351 -6.50 14.65 -5.92
C THR A 351 -5.74 14.21 -4.68
N VAL A 352 -5.35 15.18 -3.86
CA VAL A 352 -4.59 14.90 -2.65
C VAL A 352 -5.43 15.21 -1.41
N ALA A 353 -5.39 14.30 -0.44
CA ALA A 353 -6.26 14.39 0.73
C ALA A 353 -6.26 15.79 1.35
N PRO A 354 -7.17 16.03 2.32
CA PRO A 354 -7.20 17.26 3.13
C PRO A 354 -6.37 17.05 4.38
N VAL A 355 -6.42 15.81 4.88
CA VAL A 355 -5.58 15.38 5.99
C VAL A 355 -4.99 14.01 5.67
N VAL A 356 -3.66 13.90 5.67
CA VAL A 356 -2.97 12.67 5.28
C VAL A 356 -2.34 11.93 6.45
N PRO A 357 -2.72 10.66 6.62
CA PRO A 357 -2.35 9.81 7.78
C PRO A 357 -0.86 9.76 8.08
N ASP A 358 -0.54 9.90 9.36
CA ASP A 358 0.85 9.85 9.84
C ASP A 358 1.16 8.48 10.44
N LEU A 359 1.80 7.65 9.64
CA LEU A 359 2.05 6.27 10.02
C LEU A 359 3.55 5.96 10.09
N SER A 360 3.91 5.04 10.96
CA SER A 360 5.30 4.77 11.27
C SER A 360 5.76 3.47 10.64
N SER A 361 4.85 2.50 10.63
CA SER A 361 5.22 1.17 10.17
C SER A 361 4.07 0.46 9.48
N ASP A 362 4.38 -0.73 9.00
CA ASP A 362 3.41 -1.58 8.33
C ASP A 362 2.04 -1.57 9.06
N ILE A 363 2.03 -1.28 10.36
CA ILE A 363 0.78 -1.35 11.16
C ILE A 363 0.57 -0.35 12.33
N ASP A 364 0.89 0.93 12.11
CA ASP A 364 0.65 1.98 13.13
C ASP A 364 -0.84 2.29 13.42
N THR A 365 -1.36 1.75 14.53
CA THR A 365 -2.74 2.04 14.93
C THR A 365 -2.84 3.23 15.92
N SER A 366 -2.21 4.35 15.53
CA SER A 366 -2.22 5.57 16.33
C SER A 366 -3.56 6.27 16.25
N ASN A 367 -4.21 6.14 15.09
CA ASN A 367 -5.55 6.68 14.86
C ASN A 367 -6.62 5.78 15.45
N PHE A 368 -6.22 4.78 16.22
CA PHE A 368 -7.18 3.87 16.82
C PHE A 368 -7.01 3.70 18.33
N ASP A 369 -8.13 3.40 18.97
CA ASP A 369 -8.15 3.21 20.41
C ASP A 369 -8.12 1.74 20.74
N ASP A 370 -8.04 1.41 22.02
CA ASP A 370 -7.66 0.06 22.42
C ASP A 370 -8.70 -0.63 23.26
N LEU A 371 -8.71 -1.96 23.17
CA LEU A 371 -9.81 -2.74 23.74
C LEU A 371 -9.40 -4.13 24.25
N GLU A 378 -15.55 -16.90 27.31
CA GLU A 378 -15.99 -17.47 26.04
C GLU A 378 -17.31 -18.25 26.12
N GLU A 379 -18.44 -17.58 25.85
CA GLU A 379 -19.77 -18.21 25.82
C GLU A 379 -19.85 -19.26 24.72
N THR A 380 -20.98 -19.94 24.59
CA THR A 380 -21.03 -21.08 23.66
C THR A 380 -22.42 -21.66 23.37
N PHE A 381 -22.44 -22.95 23.05
CA PHE A 381 -23.64 -23.64 22.57
C PHE A 381 -24.12 -24.74 23.51
N PRO A 382 -25.35 -25.21 23.28
CA PRO A 382 -26.03 -26.33 23.95
C PRO A 382 -26.00 -27.62 23.12
N ILE A 383 -25.53 -28.72 23.72
CA ILE A 383 -25.42 -30.02 23.05
C ILE A 383 -26.75 -30.60 22.54
N PRO A 384 -26.90 -30.69 21.21
CA PRO A 384 -28.15 -31.08 20.58
C PRO A 384 -28.73 -32.35 21.18
N LYS A 385 -29.96 -32.22 21.70
CA LYS A 385 -30.76 -33.39 22.03
C LYS A 385 -30.98 -34.16 20.73
N ALA A 386 -31.92 -33.71 19.90
CA ALA A 386 -32.11 -34.28 18.57
C ALA A 386 -31.13 -33.64 17.60
N PHE A 387 -31.60 -33.25 16.41
CA PHE A 387 -30.76 -32.51 15.48
C PHE A 387 -31.20 -31.08 15.28
N VAL A 388 -30.38 -30.15 15.78
CA VAL A 388 -30.65 -28.71 15.75
C VAL A 388 -30.58 -28.09 14.35
N GLY A 389 -29.41 -28.20 13.72
CA GLY A 389 -29.18 -27.63 12.41
C GLY A 389 -28.58 -26.25 12.52
N ASN A 390 -27.83 -26.01 13.60
CA ASN A 390 -27.29 -24.68 13.88
C ASN A 390 -26.36 -24.16 12.78
N GLN A 391 -25.29 -24.90 12.52
CA GLN A 391 -24.27 -24.49 11.55
C GLN A 391 -24.79 -24.28 10.12
N LEU A 392 -26.09 -24.01 10.00
CA LEU A 392 -26.80 -24.19 8.75
C LEU A 392 -26.69 -23.04 7.75
N PRO A 393 -27.51 -21.99 7.90
CA PRO A 393 -27.45 -21.02 6.81
C PRO A 393 -26.16 -20.20 6.91
N PHE A 394 -25.10 -20.87 7.36
CA PHE A 394 -23.72 -20.37 7.33
C PHE A 394 -22.94 -21.11 6.27
N VAL A 395 -23.61 -21.46 5.18
CA VAL A 395 -23.00 -22.34 4.23
C VAL A 395 -23.05 -21.71 2.86
N GLY A 396 -21.89 -21.69 2.20
CA GLY A 396 -21.73 -21.05 0.91
C GLY A 396 -21.00 -19.75 1.14
N PHE A 397 -20.68 -19.53 2.42
CA PHE A 397 -20.10 -18.29 2.89
C PHE A 397 -18.60 -18.15 2.58
N THR A 398 -17.93 -19.25 2.26
CA THR A 398 -16.50 -19.20 2.02
C THR A 398 -16.16 -18.66 0.64
N TYR A 399 -15.02 -17.99 0.55
CA TYR A 399 -14.58 -17.37 -0.68
C TYR A 399 -13.12 -16.97 -0.50
N TYR A 400 -12.29 -17.35 -1.47
CA TYR A 400 -10.87 -17.02 -1.45
C TYR A 400 -10.48 -16.15 -2.66
N SER A 401 -9.19 -15.85 -2.81
CA SER A 401 -8.68 -15.19 -4.01
C SER A 401 -7.44 -15.86 -4.59
N ASN A 402 -7.34 -15.73 -5.90
CA ASN A 402 -6.64 -16.70 -6.73
C ASN A 402 -6.95 -16.36 -8.19
N ARG A 403 -8.08 -15.68 -8.36
CA ARG A 403 -8.77 -15.48 -9.64
C ARG A 403 -8.15 -14.45 -10.60
N ARG A 404 -6.82 -14.42 -10.67
CA ARG A 404 -6.18 -13.73 -11.78
C ARG A 404 -6.52 -12.23 -11.80
N GLN B 20 -48.62 -14.52 25.73
CA GLN B 20 -49.38 -13.28 25.58
C GLN B 20 -48.49 -12.10 25.15
N ASN B 21 -48.97 -11.34 24.16
CA ASN B 21 -48.25 -10.16 23.64
C ASN B 21 -48.02 -9.10 24.70
N VAL B 22 -47.00 -8.27 24.49
CA VAL B 22 -46.64 -7.26 25.48
C VAL B 22 -47.73 -6.20 25.60
N LYS B 23 -48.00 -5.74 26.82
CA LYS B 23 -49.10 -4.81 27.05
C LYS B 23 -48.74 -3.63 27.96
N CYS B 24 -48.73 -2.42 27.39
CA CYS B 24 -48.40 -1.21 28.16
C CYS B 24 -49.61 -0.29 28.35
N LYS B 25 -49.67 0.40 29.48
CA LYS B 25 -50.81 1.29 29.80
C LYS B 25 -50.45 2.78 29.71
N ILE B 26 -51.32 3.57 29.08
CA ILE B 26 -51.05 4.98 28.76
C ILE B 26 -52.16 5.93 29.16
N VAL B 27 -51.85 6.92 30.00
CA VAL B 27 -52.83 7.90 30.50
C VAL B 27 -52.63 9.29 29.88
N VAL B 28 -53.73 10.01 29.61
CA VAL B 28 -53.67 11.38 29.08
C VAL B 28 -54.36 12.45 29.95
N VAL B 29 -53.59 13.43 30.43
CA VAL B 29 -54.16 14.51 31.24
C VAL B 29 -53.96 15.80 30.51
N GLY B 30 -54.77 16.79 30.83
CA GLY B 30 -54.56 18.11 30.25
C GLY B 30 -55.73 19.04 30.39
N ASP B 31 -55.41 20.34 30.49
CA ASP B 31 -56.42 21.40 30.57
C ASP B 31 -57.59 21.05 29.67
N SER B 32 -58.79 21.45 30.06
CA SER B 32 -59.96 21.11 29.27
C SER B 32 -59.89 21.74 27.86
N GLN B 33 -60.24 20.94 26.85
CA GLN B 33 -60.41 21.42 25.48
C GLN B 33 -59.10 21.63 24.72
N CYS B 34 -58.02 21.02 25.24
CA CYS B 34 -56.70 21.11 24.61
C CYS B 34 -56.55 20.09 23.49
N GLY B 35 -57.49 19.16 23.41
CA GLY B 35 -57.53 18.22 22.31
C GLY B 35 -57.06 16.81 22.62
N LYS B 36 -57.22 16.38 23.87
CA LYS B 36 -56.87 15.03 24.32
C LYS B 36 -57.74 14.01 23.61
N THR B 37 -59.04 14.24 23.63
CA THR B 37 -60.01 13.29 23.08
C THR B 37 -60.08 13.38 21.54
N ALA B 38 -59.56 14.48 20.98
CA ALA B 38 -59.46 14.65 19.52
C ALA B 38 -58.48 13.66 18.95
N LEU B 39 -57.49 13.35 19.76
CA LEU B 39 -56.34 12.63 19.31
C LEU B 39 -56.41 11.14 19.66
N LEU B 40 -56.89 10.81 20.85
CA LEU B 40 -57.05 9.40 21.21
C LEU B 40 -58.13 8.78 20.34
N HIS B 41 -59.02 9.61 19.82
CA HIS B 41 -60.11 9.09 18.99
C HIS B 41 -59.65 8.92 17.55
N VAL B 42 -58.81 9.85 17.08
CA VAL B 42 -58.21 9.72 15.75
C VAL B 42 -57.34 8.47 15.62
N PHE B 43 -56.52 8.22 16.63
CA PHE B 43 -55.57 7.09 16.62
C PHE B 43 -56.27 5.76 16.85
N ALA B 44 -57.16 5.70 17.85
CA ALA B 44 -57.77 4.43 18.21
C ALA B 44 -59.12 4.13 17.55
N LYS B 45 -59.58 5.02 16.68
CA LYS B 45 -60.87 4.80 16.01
C LYS B 45 -60.90 5.29 14.55
N ASP B 46 -59.76 5.78 14.05
CA ASP B 46 -59.60 6.22 12.66
C ASP B 46 -60.65 7.21 12.14
N CYS B 47 -61.10 8.10 13.00
CA CYS B 47 -61.94 9.22 12.60
C CYS B 47 -61.92 10.31 13.66
N PHE B 48 -61.89 11.56 13.22
CA PHE B 48 -61.95 12.74 14.09
C PHE B 48 -63.38 12.94 14.61
N PRO B 49 -63.54 13.16 15.93
CA PRO B 49 -64.81 13.38 16.63
C PRO B 49 -65.62 14.54 16.07
N GLU B 50 -66.88 14.30 15.71
CA GLU B 50 -67.72 15.35 15.12
C GLU B 50 -68.14 16.41 16.15
N ASN B 51 -68.54 15.95 17.34
CA ASN B 51 -69.05 16.85 18.37
C ASN B 51 -68.27 16.78 19.68
N TYR B 52 -67.71 17.91 20.12
CA TYR B 52 -66.96 17.93 21.37
C TYR B 52 -67.89 17.56 22.50
N VAL B 53 -67.40 16.70 23.39
CA VAL B 53 -68.10 16.42 24.62
C VAL B 53 -67.07 16.29 25.73
N PRO B 54 -67.28 16.99 26.85
CA PRO B 54 -66.30 16.93 27.92
C PRO B 54 -66.18 15.53 28.41
N THR B 55 -65.17 14.79 27.93
CA THR B 55 -64.92 13.46 28.43
C THR B 55 -64.70 13.53 29.93
N VAL B 56 -64.65 12.38 30.55
CA VAL B 56 -64.47 12.28 32.00
C VAL B 56 -63.39 11.24 32.29
N PHE B 57 -63.81 9.98 32.29
CA PHE B 57 -62.92 8.85 32.02
C PHE B 57 -63.42 8.26 30.70
N GLU B 58 -62.59 7.47 30.06
CA GLU B 58 -62.96 6.77 28.82
C GLU B 58 -61.77 5.89 28.49
N ASN B 59 -62.01 4.65 28.05
CA ASN B 59 -60.91 3.71 27.84
C ASN B 59 -60.73 3.16 26.42
N TYR B 60 -59.97 3.88 25.60
CA TYR B 60 -59.71 3.46 24.23
C TYR B 60 -58.77 2.27 24.23
N THR B 61 -58.97 1.39 23.26
CA THR B 61 -58.26 0.13 23.21
C THR B 61 -57.56 -0.05 21.86
N ALA B 62 -56.29 0.35 21.83
CA ALA B 62 -55.52 0.43 20.59
C ALA B 62 -54.52 -0.69 20.47
N SER B 63 -53.63 -0.55 19.50
CA SER B 63 -52.67 -1.59 19.20
C SER B 63 -51.59 -0.96 18.37
N PHE B 64 -50.34 -1.22 18.73
CA PHE B 64 -49.22 -0.68 17.96
C PHE B 64 -48.18 -1.73 17.56
N GLU B 65 -47.14 -1.27 16.86
CA GLU B 65 -46.19 -2.16 16.22
C GLU B 65 -44.79 -1.57 16.24
N ILE B 66 -43.91 -2.08 17.09
CA ILE B 66 -42.50 -1.76 16.92
C ILE B 66 -41.73 -2.94 16.32
N ASP B 67 -41.07 -2.70 15.18
CA ASP B 67 -40.17 -3.65 14.57
C ASP B 67 -40.71 -5.05 14.61
N THR B 68 -41.60 -5.36 13.67
CA THR B 68 -42.04 -6.74 13.49
C THR B 68 -43.03 -7.28 14.54
N GLN B 69 -43.03 -6.73 15.76
CA GLN B 69 -43.83 -7.30 16.85
C GLN B 69 -44.90 -6.38 17.44
N ARG B 70 -46.01 -6.97 17.89
CA ARG B 70 -47.15 -6.23 18.47
C ARG B 70 -47.03 -5.87 19.95
N ILE B 71 -47.14 -4.59 20.27
CA ILE B 71 -47.43 -4.17 21.64
C ILE B 71 -48.92 -3.91 21.69
N GLU B 72 -49.54 -4.15 22.84
CA GLU B 72 -50.96 -3.92 23.01
C GLU B 72 -51.13 -2.67 23.84
N LEU B 73 -52.00 -1.78 23.39
CA LEU B 73 -52.13 -0.47 24.05
C LEU B 73 -53.47 -0.28 24.76
N SER B 74 -53.40 0.18 26.00
CA SER B 74 -54.58 0.51 26.79
C SER B 74 -54.55 1.99 27.12
N LEU B 75 -55.38 2.77 26.44
CA LEU B 75 -55.32 4.22 26.52
C LEU B 75 -56.39 4.78 27.47
N TRP B 76 -56.06 5.85 28.17
CA TRP B 76 -56.96 6.45 29.16
C TRP B 76 -57.15 7.93 28.92
N ASP B 77 -58.36 8.30 28.53
CA ASP B 77 -58.74 9.70 28.29
C ASP B 77 -59.31 10.25 29.61
N THR B 78 -59.11 11.54 29.90
CA THR B 78 -59.60 12.11 31.16
C THR B 78 -60.20 13.50 31.05
N SER B 79 -60.50 14.08 32.21
CA SER B 79 -61.04 15.43 32.30
C SER B 79 -59.94 16.42 32.59
N GLY B 80 -60.15 17.66 32.17
CA GLY B 80 -59.19 18.71 32.45
C GLY B 80 -59.84 19.69 33.37
N SER B 81 -61.11 19.42 33.66
CA SER B 81 -61.91 20.31 34.46
C SER B 81 -61.60 20.09 35.93
N PRO B 82 -61.21 21.16 36.63
CA PRO B 82 -60.99 21.10 38.07
C PRO B 82 -62.13 20.41 38.82
N TYR B 83 -63.36 20.49 38.30
CA TYR B 83 -64.50 19.86 38.97
C TYR B 83 -64.14 18.41 39.29
N TYR B 84 -63.23 17.85 38.51
CA TYR B 84 -62.88 16.45 38.63
C TYR B 84 -61.51 16.18 39.21
N ASP B 85 -60.88 17.22 39.76
CA ASP B 85 -59.54 17.09 40.33
C ASP B 85 -59.49 15.95 41.34
N ASN B 86 -60.68 15.55 41.80
CA ASN B 86 -60.85 14.57 42.87
C ASN B 86 -60.89 13.12 42.39
N VAL B 87 -61.16 12.92 41.10
CA VAL B 87 -61.40 11.58 40.57
C VAL B 87 -60.40 11.15 39.47
N ARG B 88 -59.94 12.10 38.67
CA ARG B 88 -58.98 11.83 37.59
C ARG B 88 -57.83 10.94 38.05
N PRO B 89 -57.29 11.20 39.26
CA PRO B 89 -56.20 10.40 39.81
C PRO B 89 -56.54 8.94 40.15
N LEU B 90 -57.61 8.39 39.59
CA LEU B 90 -57.90 6.99 39.83
C LEU B 90 -57.35 6.16 38.69
N SER B 91 -56.79 6.85 37.70
CA SER B 91 -56.24 6.23 36.49
C SER B 91 -54.71 6.10 36.50
N TYR B 92 -54.05 6.95 37.29
CA TYR B 92 -52.60 6.89 37.37
C TYR B 92 -52.08 5.54 37.87
N PRO B 93 -52.60 5.03 39.01
CA PRO B 93 -52.08 3.79 39.57
C PRO B 93 -51.58 2.76 38.54
N ASP B 94 -50.26 2.58 38.56
CA ASP B 94 -49.58 1.57 37.74
C ASP B 94 -49.66 1.80 36.22
N SER B 95 -49.24 2.99 35.80
CA SER B 95 -49.13 3.34 34.39
C SER B 95 -47.74 3.06 33.90
N ASP B 96 -47.59 3.00 32.58
CA ASP B 96 -46.30 2.74 31.96
C ASP B 96 -45.76 3.99 31.32
N ALA B 97 -46.60 5.02 31.23
CA ALA B 97 -46.25 6.23 30.49
C ALA B 97 -47.43 7.20 30.36
N VAL B 98 -47.21 8.46 30.72
CA VAL B 98 -48.27 9.47 30.79
C VAL B 98 -48.05 10.65 29.81
N LEU B 99 -49.13 11.12 29.20
CA LEU B 99 -49.04 12.23 28.24
C LEU B 99 -49.67 13.53 28.75
N ILE B 100 -48.82 14.49 29.10
CA ILE B 100 -49.25 15.81 29.56
C ILE B 100 -49.49 16.77 28.38
N CYS B 101 -50.68 17.37 28.30
CA CYS B 101 -51.05 18.11 27.09
C CYS B 101 -51.25 19.63 27.20
N PHE B 102 -51.10 20.33 26.07
CA PHE B 102 -51.37 21.75 26.00
C PHE B 102 -51.82 22.18 24.62
N ASP B 103 -52.73 23.15 24.58
CA ASP B 103 -53.28 23.69 23.34
C ASP B 103 -52.37 24.80 22.78
N ILE B 104 -51.72 24.54 21.64
CA ILE B 104 -50.71 25.44 21.09
C ILE B 104 -51.26 26.82 20.77
N SER B 105 -52.59 26.92 20.70
CA SER B 105 -53.28 28.16 20.35
C SER B 105 -53.73 28.97 21.57
N ARG B 106 -53.17 28.62 22.74
CA ARG B 106 -53.44 29.33 23.99
C ARG B 106 -52.26 29.19 24.94
N PRO B 107 -51.34 30.17 24.95
CA PRO B 107 -50.23 30.02 25.89
C PRO B 107 -50.72 29.85 27.33
N GLU B 108 -51.99 30.19 27.58
CA GLU B 108 -52.55 30.03 28.92
C GLU B 108 -52.37 28.59 29.44
N THR B 109 -52.51 27.61 28.55
CA THR B 109 -52.54 26.20 28.96
C THR B 109 -51.15 25.57 29.17
N LEU B 110 -50.09 26.33 28.87
CA LEU B 110 -48.72 25.84 29.05
C LEU B 110 -48.13 26.34 30.38
N ASP B 111 -48.47 27.57 30.77
CA ASP B 111 -48.11 28.03 32.10
C ASP B 111 -48.92 27.20 33.09
N SER B 112 -49.64 26.22 32.56
CA SER B 112 -50.48 25.29 33.34
C SER B 112 -49.94 23.88 33.35
N VAL B 113 -49.20 23.49 32.32
CA VAL B 113 -48.53 22.19 32.32
C VAL B 113 -47.40 22.26 33.34
N LEU B 114 -47.30 23.41 34.01
CA LEU B 114 -46.25 23.63 35.00
C LEU B 114 -46.85 23.81 36.39
N LYS B 115 -47.82 24.71 36.54
CA LYS B 115 -48.54 24.95 37.80
C LYS B 115 -49.08 23.67 38.40
N LYS B 116 -49.79 22.92 37.56
CA LYS B 116 -50.68 21.86 38.02
C LYS B 116 -50.24 20.46 37.61
N TRP B 117 -50.00 20.25 36.32
CA TRP B 117 -49.78 18.91 35.79
C TRP B 117 -48.43 18.27 36.17
N LYS B 118 -47.35 19.05 36.20
CA LYS B 118 -46.07 18.52 36.66
C LYS B 118 -46.23 18.00 38.07
N GLY B 119 -46.92 18.79 38.90
CA GLY B 119 -47.12 18.47 40.30
C GLY B 119 -48.04 17.27 40.53
N GLU B 120 -49.18 17.25 39.84
CA GLU B 120 -50.14 16.16 39.99
C GLU B 120 -49.66 14.85 39.34
N ILE B 121 -48.73 14.95 38.40
CA ILE B 121 -48.16 13.73 37.84
C ILE B 121 -46.98 13.26 38.66
N GLN B 122 -46.20 14.22 39.14
CA GLN B 122 -45.01 13.93 39.92
C GLN B 122 -45.38 13.15 41.17
N GLU B 123 -46.66 13.21 41.54
CA GLU B 123 -47.10 12.75 42.86
C GLU B 123 -47.97 11.50 42.90
N PHE B 124 -48.43 11.00 41.75
CA PHE B 124 -49.27 9.80 41.73
C PHE B 124 -48.69 8.72 40.82
N CYS B 125 -48.08 9.16 39.74
CA CYS B 125 -47.36 8.24 38.87
C CYS B 125 -45.93 8.75 38.74
N PRO B 126 -45.17 8.72 39.85
CA PRO B 126 -43.84 9.34 39.99
C PRO B 126 -42.79 8.50 39.29
N ASN B 127 -42.90 7.18 39.44
CA ASN B 127 -42.06 6.23 38.74
C ASN B 127 -42.75 5.77 37.45
N THR B 128 -43.00 6.72 36.56
CA THR B 128 -43.61 6.47 35.26
C THR B 128 -43.20 7.60 34.29
N LYS B 129 -42.64 7.21 33.14
CA LYS B 129 -42.17 8.17 32.13
C LYS B 129 -43.28 9.16 31.84
N MET B 130 -42.99 10.47 31.89
CA MET B 130 -43.94 11.48 31.41
C MET B 130 -43.45 12.14 30.10
N LEU B 131 -44.30 12.89 29.39
CA LEU B 131 -44.07 13.15 27.97
C LEU B 131 -44.88 14.30 27.33
N LEU B 132 -44.28 15.49 27.18
CA LEU B 132 -45.02 16.70 26.77
C LEU B 132 -45.45 16.72 25.31
N VAL B 133 -46.75 16.84 25.06
CA VAL B 133 -47.28 16.84 23.71
C VAL B 133 -48.12 18.07 23.36
N GLY B 134 -47.69 18.87 22.39
CA GLY B 134 -48.44 20.04 21.99
C GLY B 134 -49.47 19.74 20.92
N CYS B 135 -50.76 19.88 21.25
CA CYS B 135 -51.85 19.62 20.28
C CYS B 135 -52.25 20.82 19.44
N LYS B 136 -53.27 20.64 18.60
CA LYS B 136 -53.73 21.67 17.68
C LYS B 136 -52.58 22.53 17.12
N SER B 137 -51.61 21.91 16.46
CA SER B 137 -50.47 22.68 15.94
C SER B 137 -50.83 23.40 14.65
N ASP B 138 -51.93 22.99 14.01
CA ASP B 138 -52.31 23.57 12.73
C ASP B 138 -52.88 24.98 12.87
N LEU B 139 -53.15 25.38 14.12
CA LEU B 139 -53.69 26.71 14.41
C LEU B 139 -52.61 27.80 14.53
N ARG B 140 -51.34 27.37 14.60
CA ARG B 140 -50.19 28.29 14.68
C ARG B 140 -50.03 29.19 13.42
N THR B 141 -50.65 28.79 12.32
CA THR B 141 -50.62 29.52 11.05
C THR B 141 -52.03 29.86 10.58
N ASP B 142 -52.95 30.05 11.52
CA ASP B 142 -54.31 30.48 11.18
C ASP B 142 -54.50 31.95 11.55
N VAL B 143 -54.76 32.77 10.53
CA VAL B 143 -54.80 34.22 10.74
C VAL B 143 -55.85 34.60 11.77
N SER B 144 -56.81 33.71 12.02
CA SER B 144 -57.85 33.99 12.99
C SER B 144 -57.41 33.84 14.47
N THR B 145 -56.78 32.70 14.81
CA THR B 145 -56.31 32.46 16.19
C THR B 145 -55.00 33.21 16.50
N LEU B 146 -54.48 33.94 15.52
CA LEU B 146 -53.44 34.90 15.81
C LEU B 146 -54.09 36.24 16.13
N VAL B 147 -54.96 36.68 15.21
CA VAL B 147 -55.68 37.95 15.36
C VAL B 147 -56.39 38.02 16.70
N GLU B 148 -56.65 36.85 17.27
CA GLU B 148 -57.32 36.77 18.55
C GLU B 148 -56.31 36.73 19.73
N LEU B 149 -55.20 36.02 19.54
CA LEU B 149 -54.18 35.89 20.60
C LEU B 149 -53.43 37.21 20.81
N SER B 150 -53.48 38.11 19.84
CA SER B 150 -52.82 39.41 19.97
C SER B 150 -53.71 40.40 20.75
N ASN B 151 -55.02 40.18 20.70
CA ASN B 151 -55.97 40.96 21.49
C ASN B 151 -55.90 40.56 22.97
N HIS B 152 -54.73 40.15 23.41
CA HIS B 152 -54.50 39.83 24.82
C HIS B 152 -53.01 39.91 25.07
N ARG B 153 -52.31 40.56 24.15
CA ARG B 153 -50.85 40.63 24.20
C ARG B 153 -50.26 39.23 24.32
N GLN B 154 -50.95 38.25 23.74
CA GLN B 154 -50.47 36.86 23.67
C GLN B 154 -50.09 36.52 22.23
N THR B 155 -49.53 35.32 22.05
CA THR B 155 -49.07 34.87 20.75
C THR B 155 -48.71 33.41 20.86
N PRO B 156 -49.33 32.56 20.03
CA PRO B 156 -49.26 31.09 20.02
C PRO B 156 -47.92 30.50 20.53
N VAL B 157 -47.91 29.22 20.90
CA VAL B 157 -46.71 28.57 21.44
C VAL B 157 -45.73 28.18 20.32
N SER B 158 -44.50 28.69 20.37
CA SER B 158 -43.48 28.31 19.39
C SER B 158 -42.76 27.06 19.85
N TYR B 159 -42.35 26.20 18.91
CA TYR B 159 -41.71 24.92 19.26
C TYR B 159 -40.77 25.09 20.45
N ASP B 160 -39.90 26.10 20.37
CA ASP B 160 -38.93 26.35 21.43
C ASP B 160 -39.60 26.70 22.77
N GLN B 161 -40.60 27.57 22.75
CA GLN B 161 -41.39 27.83 23.95
C GLN B 161 -41.84 26.49 24.52
N GLY B 162 -42.13 25.55 23.62
CA GLY B 162 -42.59 24.22 23.98
C GLY B 162 -41.55 23.36 24.68
N ALA B 163 -40.49 22.98 23.97
CA ALA B 163 -39.43 22.19 24.58
C ALA B 163 -38.74 22.90 25.77
N ASN B 164 -38.48 24.20 25.64
CA ASN B 164 -37.82 24.95 26.71
C ASN B 164 -38.67 24.95 27.98
N MET B 165 -39.88 24.41 27.83
CA MET B 165 -40.73 24.07 28.95
C MET B 165 -40.50 22.63 29.34
N ALA B 166 -40.75 21.72 28.41
CA ALA B 166 -40.60 20.29 28.69
C ALA B 166 -39.29 19.91 29.41
N LYS B 167 -38.16 20.46 28.98
CA LYS B 167 -36.88 20.14 29.62
C LYS B 167 -36.69 20.92 30.93
N GLN B 168 -37.69 21.71 31.29
CA GLN B 168 -37.69 22.45 32.54
C GLN B 168 -38.65 21.80 33.55
N ILE B 169 -39.45 20.83 33.09
CA ILE B 169 -40.37 20.09 33.97
C ILE B 169 -40.00 18.62 34.05
N GLY B 170 -39.08 18.20 33.20
CA GLY B 170 -38.54 16.85 33.28
C GLY B 170 -39.17 15.83 32.35
N ALA B 171 -39.81 16.30 31.29
CA ALA B 171 -40.36 15.40 30.28
C ALA B 171 -39.23 14.63 29.59
N ALA B 172 -39.56 13.52 28.92
CA ALA B 172 -38.55 12.73 28.24
C ALA B 172 -38.25 13.30 26.87
N THR B 173 -39.30 13.73 26.17
CA THR B 173 -39.16 14.55 24.95
C THR B 173 -40.37 15.45 24.82
N TYR B 174 -40.26 16.47 23.97
CA TYR B 174 -41.39 17.30 23.60
C TYR B 174 -41.68 17.01 22.14
N ILE B 175 -42.96 16.82 21.82
CA ILE B 175 -43.37 16.56 20.44
C ILE B 175 -44.72 17.20 20.15
N GLU B 176 -44.94 17.58 18.89
CA GLU B 176 -46.20 18.20 18.48
C GLU B 176 -47.03 17.31 17.55
N CYS B 177 -48.20 17.80 17.15
CA CYS B 177 -49.10 17.08 16.27
C CYS B 177 -50.36 17.89 16.01
N SER B 178 -50.78 17.97 14.75
CA SER B 178 -52.12 18.46 14.46
C SER B 178 -53.08 17.29 14.58
N ALA B 179 -53.74 17.18 15.72
CA ALA B 179 -54.70 16.09 15.90
C ALA B 179 -55.72 16.05 14.75
N LEU B 180 -55.75 17.09 13.91
CA LEU B 180 -56.82 17.29 12.95
C LEU B 180 -56.42 17.18 11.49
N GLN B 181 -55.33 17.83 11.13
CA GLN B 181 -54.92 17.94 9.73
C GLN B 181 -54.40 16.63 9.10
N SER B 182 -53.15 16.27 9.36
CA SER B 182 -52.62 15.01 8.81
C SER B 182 -52.52 13.86 9.83
N GLU B 183 -53.19 12.76 9.50
CA GLU B 183 -53.34 11.61 10.39
C GLU B 183 -52.01 11.12 10.96
N ASN B 184 -50.96 11.23 10.15
CA ASN B 184 -49.63 10.72 10.51
C ASN B 184 -49.01 11.46 11.66
N SER B 185 -49.37 12.73 11.83
CA SER B 185 -48.79 13.53 12.90
C SER B 185 -49.14 12.92 14.24
N VAL B 186 -50.23 12.17 14.27
CA VAL B 186 -50.74 11.50 15.47
C VAL B 186 -50.18 10.10 15.66
N ARG B 187 -50.17 9.33 14.59
CA ARG B 187 -49.50 8.04 14.64
C ARG B 187 -48.09 8.28 15.17
N ASP B 188 -47.40 9.30 14.63
CA ASP B 188 -46.02 9.59 15.01
C ASP B 188 -45.87 9.89 16.50
N ILE B 189 -47.01 10.01 17.18
CA ILE B 189 -47.04 10.20 18.64
C ILE B 189 -47.06 8.88 19.41
N PHE B 190 -48.03 8.02 19.10
CA PHE B 190 -48.17 6.76 19.79
C PHE B 190 -47.03 5.80 19.41
N HIS B 191 -46.25 6.21 18.42
CA HIS B 191 -45.03 5.53 18.04
C HIS B 191 -43.94 5.88 19.02
N VAL B 192 -43.79 7.18 19.26
CA VAL B 192 -42.81 7.73 20.18
C VAL B 192 -43.04 7.22 21.61
N ALA B 193 -44.30 7.04 21.97
CA ALA B 193 -44.64 6.72 23.36
C ALA B 193 -44.84 5.23 23.63
N THR B 194 -45.07 4.43 22.59
CA THR B 194 -44.97 2.99 22.77
C THR B 194 -43.57 2.73 23.30
N LEU B 195 -42.60 3.39 22.70
CA LEU B 195 -41.19 3.25 23.05
C LEU B 195 -40.86 3.71 24.48
N ALA B 196 -41.62 4.65 25.03
CA ALA B 196 -41.41 5.08 26.40
C ALA B 196 -41.83 3.99 27.40
N CYS B 197 -42.86 3.23 27.03
CA CYS B 197 -43.32 2.09 27.81
C CYS B 197 -42.29 0.99 27.81
N VAL B 198 -42.04 0.45 26.61
CA VAL B 198 -41.22 -0.76 26.42
C VAL B 198 -39.71 -0.65 26.60
N ASN B 199 -39.08 0.37 26.00
CA ASN B 199 -37.66 0.57 26.22
C ASN B 199 -37.43 0.43 27.70
N LYS B 200 -38.40 0.96 28.44
CA LYS B 200 -38.46 0.95 29.90
C LYS B 200 -37.26 1.74 30.39
N SER C 6 3.42 -44.67 -16.12
CA SER C 6 2.50 -45.36 -17.02
C SER C 6 1.98 -44.41 -18.08
N PHE C 7 0.66 -44.30 -18.22
CA PHE C 7 0.03 -43.41 -19.22
C PHE C 7 -0.71 -42.21 -18.60
N GLU C 8 -1.50 -42.42 -17.55
CA GLU C 8 -2.12 -41.29 -16.87
C GLU C 8 -1.04 -40.34 -16.35
N THR C 9 0.00 -40.90 -15.73
CA THR C 9 1.07 -40.07 -15.16
C THR C 9 1.91 -39.47 -16.29
N ARG C 10 1.44 -39.66 -17.52
CA ARG C 10 1.95 -38.95 -18.70
C ARG C 10 1.09 -37.69 -18.98
N PHE C 11 -0.16 -37.86 -19.39
CA PHE C 11 -1.06 -36.71 -19.53
C PHE C 11 -0.84 -35.73 -18.34
N GLU C 12 -0.82 -36.28 -17.11
CA GLU C 12 -0.63 -35.51 -15.85
C GLU C 12 0.75 -34.85 -15.66
N LYS C 13 1.79 -35.66 -15.44
CA LYS C 13 3.19 -35.16 -15.37
C LYS C 13 3.41 -34.02 -16.37
N MET C 14 2.55 -33.99 -17.39
CA MET C 14 2.61 -33.03 -18.47
C MET C 14 1.83 -31.76 -18.18
N ASP C 15 0.55 -31.91 -17.83
CA ASP C 15 -0.28 -30.74 -17.60
C ASP C 15 0.24 -29.87 -16.48
N ASN C 16 0.65 -30.48 -15.37
CA ASN C 16 1.26 -29.71 -14.28
C ASN C 16 2.69 -29.30 -14.64
N LEU C 17 2.81 -28.86 -15.89
CA LEU C 17 4.08 -28.42 -16.46
C LEU C 17 3.70 -27.34 -17.46
N LEU C 18 2.40 -27.08 -17.53
CA LEU C 18 1.89 -25.98 -18.30
C LEU C 18 1.36 -24.96 -17.32
N ARG C 19 1.21 -25.38 -16.07
CA ARG C 19 0.82 -24.44 -15.02
C ARG C 19 2.04 -23.96 -14.24
N ASP C 20 2.96 -24.87 -13.98
CA ASP C 20 4.20 -24.57 -13.26
C ASP C 20 4.88 -23.31 -13.79
N PRO C 21 4.81 -22.20 -13.03
CA PRO C 21 5.37 -20.92 -13.52
C PRO C 21 6.86 -21.03 -13.61
N LYS C 22 7.41 -21.74 -12.61
CA LYS C 22 8.83 -22.12 -12.50
C LYS C 22 9.35 -22.81 -13.77
N SER C 23 8.46 -23.03 -14.75
CA SER C 23 8.74 -23.84 -15.94
C SER C 23 9.10 -23.04 -17.21
N GLU C 24 9.78 -23.71 -18.13
CA GLU C 24 10.22 -23.10 -19.38
C GLU C 24 9.06 -23.02 -20.36
N VAL C 25 7.94 -23.65 -20.01
CA VAL C 25 6.84 -23.84 -20.95
C VAL C 25 5.43 -23.68 -20.37
N ASN C 26 5.30 -23.10 -19.18
CA ASN C 26 3.97 -22.76 -18.71
C ASN C 26 3.28 -22.03 -19.85
N SER C 27 2.03 -22.36 -20.12
CA SER C 27 1.28 -21.74 -21.20
C SER C 27 1.75 -20.34 -21.57
N ASP C 28 1.78 -19.42 -20.62
CA ASP C 28 2.23 -18.04 -20.85
C ASP C 28 3.54 -17.93 -21.66
N CYS C 29 4.42 -18.94 -21.53
CA CYS C 29 5.71 -19.01 -22.25
C CYS C 29 5.59 -19.48 -23.70
N LEU C 30 4.79 -20.52 -23.95
CA LEU C 30 4.58 -21.01 -25.33
C LEU C 30 3.95 -19.92 -26.20
N LEU C 31 2.95 -19.23 -25.65
CA LEU C 31 2.47 -17.98 -26.24
C LEU C 31 3.68 -17.15 -26.61
N ASP C 32 4.33 -16.58 -25.59
CA ASP C 32 5.52 -15.77 -25.78
C ASP C 32 6.36 -16.28 -26.96
N GLY C 33 6.40 -17.61 -27.12
CA GLY C 33 7.06 -18.24 -28.24
C GLY C 33 6.50 -17.77 -29.56
N LEU C 34 5.44 -18.43 -30.02
CA LEU C 34 4.77 -18.06 -31.27
C LEU C 34 4.75 -16.54 -31.51
N ASP C 35 4.10 -15.77 -30.63
CA ASP C 35 4.01 -14.32 -30.78
C ASP C 35 5.32 -13.77 -31.32
N ALA C 36 6.42 -14.17 -30.71
CA ALA C 36 7.73 -13.66 -31.08
C ALA C 36 8.29 -14.24 -32.40
N LEU C 37 7.63 -15.28 -32.92
CA LEU C 37 8.02 -15.83 -34.22
C LEU C 37 7.33 -15.16 -35.40
N VAL C 38 6.00 -15.09 -35.33
CA VAL C 38 5.20 -14.49 -36.37
C VAL C 38 5.60 -13.02 -36.52
N TYR C 39 6.34 -12.52 -35.53
CA TYR C 39 6.99 -11.22 -35.63
C TYR C 39 8.24 -11.31 -36.54
N ASP C 40 8.90 -12.47 -36.53
CA ASP C 40 10.14 -12.66 -37.30
C ASP C 40 9.95 -13.36 -38.64
N LEU C 41 8.75 -13.29 -39.19
CA LEU C 41 8.47 -13.87 -40.50
C LEU C 41 7.55 -12.97 -41.30
N ASP C 42 6.89 -12.05 -40.61
CA ASP C 42 6.01 -11.10 -41.27
C ASP C 42 6.83 -10.12 -42.09
N PHE C 43 7.43 -10.61 -43.16
CA PHE C 43 8.19 -9.76 -44.06
C PHE C 43 7.93 -10.14 -45.51
N PRO C 44 8.03 -9.16 -46.41
CA PRO C 44 7.77 -9.45 -47.81
C PRO C 44 8.97 -10.25 -48.27
N ALA C 45 10.11 -9.83 -47.77
CA ALA C 45 11.38 -10.48 -48.04
C ALA C 45 11.28 -11.99 -47.84
N LEU C 46 10.74 -12.42 -46.71
CA LEU C 46 10.69 -13.83 -46.33
C LEU C 46 9.53 -14.63 -46.94
N ARG C 47 8.45 -13.93 -47.28
CA ARG C 47 7.27 -14.59 -47.78
C ARG C 47 7.37 -14.96 -49.24
N LYS C 48 8.43 -14.53 -49.91
CA LYS C 48 8.67 -15.01 -51.26
C LYS C 48 8.68 -16.56 -51.19
N ASN C 49 8.86 -17.09 -49.98
CA ASN C 49 8.76 -18.53 -49.74
C ASN C 49 7.36 -18.93 -49.27
N LYS C 50 6.78 -19.93 -49.93
CA LYS C 50 5.38 -20.31 -49.69
C LYS C 50 5.14 -21.01 -48.35
N ASN C 51 6.20 -21.41 -47.67
CA ASN C 51 6.06 -21.96 -46.32
C ASN C 51 5.60 -20.92 -45.34
N ILE C 52 6.42 -19.89 -45.20
CA ILE C 52 6.13 -18.75 -44.37
C ILE C 52 4.81 -18.12 -44.75
N ASP C 53 4.63 -17.84 -46.04
CA ASP C 53 3.43 -17.15 -46.50
C ASP C 53 2.12 -17.91 -46.21
N ASN C 54 2.04 -19.16 -46.68
CA ASN C 54 0.81 -19.93 -46.50
C ASN C 54 0.81 -20.69 -45.17
N PHE C 55 1.55 -20.13 -44.23
CA PHE C 55 1.40 -20.48 -42.83
C PHE C 55 0.98 -19.23 -42.06
N LEU C 56 1.75 -18.15 -42.19
CA LEU C 56 1.37 -16.88 -41.59
C LEU C 56 -0.03 -16.48 -42.05
N SER C 57 -0.48 -17.10 -43.15
CA SER C 57 -1.86 -16.97 -43.60
C SER C 57 -2.77 -17.73 -42.65
N ARG C 58 -2.40 -18.98 -42.39
CA ARG C 58 -3.06 -19.84 -41.42
C ARG C 58 -3.42 -19.13 -40.09
N TYR C 59 -2.49 -18.33 -39.58
CA TYR C 59 -2.60 -17.80 -38.22
C TYR C 59 -2.83 -16.30 -38.11
N LYS C 60 -3.02 -15.61 -39.24
CA LYS C 60 -3.31 -14.18 -39.19
C LYS C 60 -4.47 -13.88 -38.25
N ASP C 61 -5.63 -14.44 -38.55
CA ASP C 61 -6.86 -14.07 -37.86
C ASP C 61 -6.98 -14.59 -36.43
N THR C 62 -5.90 -15.16 -35.90
CA THR C 62 -5.88 -15.51 -34.49
C THR C 62 -4.67 -14.91 -33.81
N ILE C 63 -3.58 -14.75 -34.55
CA ILE C 63 -2.41 -14.11 -33.99
C ILE C 63 -2.75 -12.66 -33.66
N ASN C 64 -3.76 -12.15 -34.35
CA ASN C 64 -4.23 -10.81 -34.08
C ASN C 64 -5.18 -10.79 -32.89
N LYS C 65 -6.25 -11.57 -32.98
CA LYS C 65 -7.20 -11.64 -31.88
C LYS C 65 -6.51 -11.86 -30.54
N ILE C 66 -5.27 -12.34 -30.56
CA ILE C 66 -4.57 -12.71 -29.35
C ILE C 66 -3.68 -11.60 -28.76
N ARG C 67 -2.80 -11.01 -29.57
CA ARG C 67 -1.96 -9.95 -29.04
C ARG C 67 -2.86 -8.89 -28.43
N ASP C 68 -4.12 -8.94 -28.84
CA ASP C 68 -5.18 -8.09 -28.33
C ASP C 68 -5.44 -8.31 -26.85
N LEU C 69 -5.25 -9.54 -26.38
CA LEU C 69 -5.53 -9.91 -24.99
C LEU C 69 -4.29 -9.88 -24.08
N ARG C 70 -3.31 -10.74 -24.37
CA ARG C 70 -2.12 -10.87 -23.52
C ARG C 70 -1.59 -9.51 -23.06
N MET C 71 -1.72 -9.29 -21.74
CA MET C 71 -1.29 -8.06 -21.08
C MET C 71 -0.48 -7.19 -22.01
N LYS C 72 -1.17 -6.44 -22.85
CA LYS C 72 -0.49 -5.57 -23.81
C LYS C 72 0.05 -4.34 -23.09
N ALA C 73 0.99 -3.64 -23.72
CA ALA C 73 1.68 -2.52 -23.08
C ALA C 73 0.80 -1.34 -22.66
N GLU C 74 -0.10 -0.88 -23.54
CA GLU C 74 -0.93 0.27 -23.22
C GLU C 74 -2.10 -0.04 -22.29
N ASP C 75 -2.09 -1.23 -21.68
CA ASP C 75 -3.02 -1.51 -20.60
C ASP C 75 -2.69 -0.56 -19.45
N TYR C 76 -1.47 -0.03 -19.45
CA TYR C 76 -1.01 0.93 -18.43
C TYR C 76 -0.91 2.35 -18.99
N GLU C 77 -1.52 3.30 -18.29
CA GLU C 77 -1.24 4.71 -18.54
C GLU C 77 -0.21 5.11 -17.49
N VAL C 78 0.64 6.09 -17.81
CA VAL C 78 1.80 6.39 -16.95
C VAL C 78 1.72 7.75 -16.24
N VAL C 79 2.36 7.85 -15.07
CA VAL C 79 2.35 9.07 -14.25
C VAL C 79 3.59 9.98 -14.46
N LYS C 80 4.66 9.70 -13.73
CA LYS C 80 5.93 10.39 -13.97
C LYS C 80 6.92 9.35 -14.45
N VAL C 81 8.01 9.79 -15.08
CA VAL C 81 9.13 8.88 -15.33
C VAL C 81 10.18 9.17 -14.29
N ILE C 82 10.49 8.15 -13.49
CA ILE C 82 11.32 8.31 -12.32
C ILE C 82 12.62 7.55 -12.48
N GLY C 83 13.10 7.45 -13.72
CA GLY C 83 14.36 6.78 -13.93
C GLY C 83 14.64 6.43 -15.37
N ARG C 84 15.73 6.98 -15.90
CA ARG C 84 16.32 6.50 -17.13
C ARG C 84 17.50 5.65 -16.69
N GLY C 85 18.02 4.84 -17.60
CA GLY C 85 19.15 4.02 -17.27
C GLY C 85 19.69 3.39 -18.52
N ALA C 86 20.39 2.29 -18.34
CA ALA C 86 21.00 1.56 -19.44
C ALA C 86 20.08 1.54 -20.67
N PHE C 87 19.28 0.49 -20.76
CA PHE C 87 18.41 0.29 -21.90
C PHE C 87 17.02 0.82 -21.60
N GLY C 88 16.76 2.08 -21.97
CA GLY C 88 15.47 2.69 -21.73
C GLY C 88 15.22 3.08 -20.28
N GLU C 89 13.95 3.39 -19.97
CA GLU C 89 13.58 4.07 -18.74
C GLU C 89 12.80 3.21 -17.76
N VAL C 90 12.46 3.78 -16.60
CA VAL C 90 11.52 3.18 -15.63
C VAL C 90 10.47 4.19 -15.20
N GLN C 91 9.20 3.85 -15.42
CA GLN C 91 8.11 4.79 -15.20
C GLN C 91 7.15 4.33 -14.12
N LEU C 92 6.52 5.30 -13.45
CA LEU C 92 5.47 5.02 -12.49
C LEU C 92 4.14 4.92 -13.23
N VAL C 93 3.58 3.71 -13.33
CA VAL C 93 2.33 3.54 -14.08
C VAL C 93 1.15 3.11 -13.20
N ARG C 94 -0.04 3.55 -13.61
CA ARG C 94 -1.32 3.14 -13.02
C ARG C 94 -2.01 2.28 -14.07
N HIS C 95 -2.56 1.13 -13.67
CA HIS C 95 -3.23 0.24 -14.63
C HIS C 95 -4.56 0.87 -15.02
N LYS C 96 -4.75 1.07 -16.32
CA LYS C 96 -5.93 1.78 -16.84
C LYS C 96 -7.22 1.17 -16.30
N SER C 97 -7.20 -0.14 -16.09
CA SER C 97 -8.35 -0.87 -15.53
C SER C 97 -8.24 -1.12 -14.01
N THR C 98 -7.19 -1.82 -13.58
CA THR C 98 -7.08 -2.24 -12.17
C THR C 98 -6.90 -1.06 -11.17
N ARG C 99 -6.61 0.12 -11.70
CA ARG C 99 -6.36 1.34 -10.91
C ARG C 99 -5.23 1.20 -9.88
N LYS C 100 -4.52 0.07 -9.92
CA LYS C 100 -3.38 -0.20 -9.04
C LYS C 100 -2.09 0.39 -9.61
N VAL C 101 -1.23 0.90 -8.74
CA VAL C 101 -0.01 1.58 -9.16
C VAL C 101 1.21 0.67 -9.01
N TYR C 102 1.79 0.29 -10.12
CA TYR C 102 3.05 -0.44 -10.08
C TYR C 102 4.18 0.44 -10.65
N ALA C 103 5.41 -0.08 -10.66
CA ALA C 103 6.55 0.70 -11.17
C ALA C 103 7.29 0.01 -12.33
N MET C 104 6.84 0.32 -13.55
CA MET C 104 7.25 -0.42 -14.75
C MET C 104 8.69 -0.16 -15.22
N LYS C 105 9.42 -1.25 -15.46
CA LYS C 105 10.74 -1.18 -16.06
C LYS C 105 10.60 -1.49 -17.55
N LEU C 106 11.19 -0.65 -18.40
CA LEU C 106 11.19 -0.88 -19.84
C LEU C 106 12.58 -1.27 -20.31
N LEU C 107 12.67 -2.28 -21.19
CA LEU C 107 13.96 -2.66 -21.76
C LEU C 107 13.98 -2.51 -23.28
N SER C 108 14.89 -1.69 -23.78
CA SER C 108 14.99 -1.39 -25.21
C SER C 108 15.48 -2.61 -25.99
N LYS C 109 14.59 -3.28 -26.70
CA LYS C 109 14.97 -4.50 -27.41
C LYS C 109 16.08 -4.25 -28.43
N PHE C 110 15.86 -3.31 -29.36
CA PHE C 110 16.88 -3.05 -30.38
C PHE C 110 18.25 -2.75 -29.77
N GLU C 111 18.27 -1.88 -28.76
CA GLU C 111 19.52 -1.44 -28.15
C GLU C 111 20.13 -2.49 -27.23
N MET C 112 19.36 -3.55 -26.98
CA MET C 112 19.79 -4.61 -26.08
C MET C 112 20.52 -5.71 -26.83
N ILE C 113 20.32 -5.76 -28.14
CA ILE C 113 21.05 -6.71 -28.97
C ILE C 113 22.24 -6.03 -29.65
N LYS C 114 22.19 -4.70 -29.74
CA LYS C 114 23.35 -3.92 -30.17
C LYS C 114 24.45 -3.95 -29.12
N ARG C 115 24.10 -3.62 -27.88
CA ARG C 115 25.06 -3.71 -26.78
C ARG C 115 25.42 -5.17 -26.45
N SER C 116 24.90 -6.09 -27.26
CA SER C 116 25.18 -7.55 -27.19
C SER C 116 24.92 -8.23 -25.84
N ASP C 117 23.94 -7.70 -25.10
CA ASP C 117 23.49 -8.28 -23.84
C ASP C 117 22.07 -8.83 -24.02
N SER C 118 21.91 -9.89 -24.81
CA SER C 118 20.56 -10.36 -25.08
C SER C 118 20.05 -11.30 -23.99
N ALA C 119 20.77 -11.35 -22.88
CA ALA C 119 20.32 -12.08 -21.70
C ALA C 119 21.22 -11.87 -20.49
N PHE C 120 20.79 -10.98 -19.60
CA PHE C 120 21.49 -10.67 -18.37
C PHE C 120 20.42 -10.55 -17.30
N PHE C 121 19.17 -10.66 -17.77
CA PHE C 121 18.02 -10.37 -16.92
C PHE C 121 17.32 -11.62 -16.37
N TRP C 122 17.51 -12.79 -16.98
CA TRP C 122 16.70 -13.96 -16.63
C TRP C 122 16.79 -14.25 -15.14
N GLU C 123 17.93 -13.90 -14.52
CA GLU C 123 18.11 -14.05 -13.08
C GLU C 123 17.28 -13.00 -12.30
N GLU C 124 17.16 -11.81 -12.87
CA GLU C 124 16.34 -10.74 -12.29
C GLU C 124 14.85 -11.04 -12.42
N ARG C 125 14.47 -11.91 -13.35
CA ARG C 125 13.08 -12.37 -13.45
C ARG C 125 12.84 -13.36 -12.33
N ASP C 126 13.63 -14.43 -12.30
CA ASP C 126 13.53 -15.38 -11.21
C ASP C 126 13.51 -14.63 -9.88
N ILE C 127 14.63 -14.00 -9.54
CA ILE C 127 14.78 -13.39 -8.22
C ILE C 127 13.57 -12.55 -7.82
N MET C 128 13.19 -11.59 -8.65
CA MET C 128 12.17 -10.63 -8.27
C MET C 128 10.78 -11.23 -8.11
N ALA C 129 10.51 -12.34 -8.79
CA ALA C 129 9.15 -12.88 -8.79
C ALA C 129 8.98 -14.10 -7.91
N PHE C 130 10.10 -14.70 -7.51
CA PHE C 130 10.10 -16.01 -6.86
C PHE C 130 10.70 -16.02 -5.44
N ALA C 131 11.77 -15.26 -5.20
CA ALA C 131 12.22 -15.09 -3.83
C ALA C 131 11.17 -14.29 -3.08
N ASN C 132 10.08 -14.91 -2.70
CA ASN C 132 9.11 -14.21 -1.88
C ASN C 132 9.97 -13.66 -0.75
N SER C 133 10.05 -12.34 -0.67
CA SER C 133 10.86 -11.71 0.37
C SER C 133 10.46 -10.28 0.57
N PRO C 134 10.71 -9.77 1.77
CA PRO C 134 10.45 -8.39 2.15
C PRO C 134 11.70 -7.57 1.95
N TRP C 135 12.77 -8.23 1.51
CA TRP C 135 13.98 -7.55 1.11
C TRP C 135 13.99 -7.39 -0.40
N VAL C 136 13.12 -8.13 -1.09
CA VAL C 136 13.09 -8.08 -2.55
C VAL C 136 11.84 -7.41 -3.12
N VAL C 137 12.04 -6.67 -4.20
CA VAL C 137 10.98 -5.93 -4.85
C VAL C 137 10.14 -6.84 -5.75
N GLN C 138 8.88 -7.05 -5.38
CA GLN C 138 7.99 -8.04 -6.02
C GLN C 138 7.77 -7.80 -7.51
N LEU C 139 7.93 -8.83 -8.32
CA LEU C 139 7.66 -8.74 -9.76
C LEU C 139 6.31 -9.32 -10.06
N PHE C 140 5.34 -8.44 -10.37
CA PHE C 140 3.93 -8.80 -10.48
C PHE C 140 3.51 -9.38 -11.83
N TYR C 141 3.94 -8.75 -12.91
CA TYR C 141 3.71 -9.27 -14.25
C TYR C 141 4.93 -9.02 -15.12
N ALA C 142 5.27 -9.98 -15.96
CA ALA C 142 6.36 -9.81 -16.91
C ALA C 142 5.91 -10.13 -18.32
N PHE C 143 5.73 -9.10 -19.15
CA PHE C 143 5.24 -9.28 -20.52
C PHE C 143 6.10 -8.53 -21.52
N GLN C 144 6.04 -8.96 -22.77
CA GLN C 144 6.82 -8.33 -23.82
C GLN C 144 5.95 -8.02 -25.01
N ASP C 145 6.48 -7.19 -25.91
CA ASP C 145 5.89 -6.99 -27.21
C ASP C 145 7.03 -7.00 -28.20
N ASP C 146 6.85 -6.38 -29.37
CA ASP C 146 7.89 -6.42 -30.40
C ASP C 146 9.12 -5.56 -30.08
N ARG C 147 8.90 -4.34 -29.59
CA ARG C 147 9.99 -3.38 -29.45
C ARG C 147 10.72 -3.39 -28.09
N TYR C 148 9.97 -3.62 -27.00
CA TYR C 148 10.52 -3.56 -25.64
C TYR C 148 10.20 -4.81 -24.81
N LEU C 149 10.73 -4.82 -23.58
CA LEU C 149 10.35 -5.77 -22.54
C LEU C 149 9.63 -5.01 -21.45
N TYR C 150 8.98 -5.72 -20.53
CA TYR C 150 8.35 -5.01 -19.42
C TYR C 150 8.41 -5.81 -18.13
N MET C 151 8.56 -5.10 -17.02
CA MET C 151 8.52 -5.72 -15.70
C MET C 151 7.76 -4.81 -14.75
N VAL C 152 6.57 -5.24 -14.36
CA VAL C 152 5.74 -4.44 -13.47
C VAL C 152 6.09 -4.75 -12.02
N MET C 153 6.69 -3.79 -11.32
CA MET C 153 7.22 -4.02 -9.98
C MET C 153 6.47 -3.21 -8.92
N GLU C 154 6.32 -3.75 -7.72
CA GLU C 154 5.76 -2.95 -6.62
C GLU C 154 6.54 -1.63 -6.50
N TYR C 155 5.82 -0.53 -6.36
CA TYR C 155 6.44 0.78 -6.35
C TYR C 155 7.02 1.17 -4.97
N MET C 156 8.21 1.78 -4.96
CA MET C 156 8.95 2.18 -3.74
C MET C 156 9.09 3.71 -3.54
N PRO C 157 8.12 4.36 -2.86
CA PRO C 157 7.99 5.82 -2.72
C PRO C 157 9.08 6.51 -1.91
N GLY C 158 10.03 5.73 -1.39
CA GLY C 158 11.05 6.29 -0.53
C GLY C 158 12.18 6.91 -1.30
N GLY C 159 12.49 6.34 -2.45
CA GLY C 159 13.57 6.82 -3.28
C GLY C 159 14.81 5.97 -3.11
N ASP C 160 15.83 6.23 -3.91
CA ASP C 160 17.10 5.55 -3.70
C ASP C 160 17.75 6.06 -2.41
N LEU C 161 18.82 5.39 -1.99
CA LEU C 161 19.57 5.81 -0.83
C LEU C 161 20.38 7.08 -1.10
N VAL C 162 20.59 7.39 -2.36
CA VAL C 162 21.37 8.57 -2.75
C VAL C 162 20.53 9.81 -2.58
N ASN C 163 19.24 9.69 -2.90
CA ASN C 163 18.30 10.76 -2.63
C ASN C 163 18.37 11.11 -1.15
N LEU C 164 18.74 10.13 -0.33
CA LEU C 164 18.86 10.35 1.10
C LEU C 164 20.17 11.06 1.49
N MET C 165 21.29 10.40 1.23
CA MET C 165 22.60 10.90 1.68
C MET C 165 22.92 12.34 1.25
N SER C 166 22.10 12.87 0.34
CA SER C 166 22.28 14.21 -0.20
C SER C 166 21.29 15.20 0.40
N ASN C 167 20.21 14.65 0.95
CA ASN C 167 19.17 15.44 1.61
C ASN C 167 19.23 15.39 3.14
N TYR C 168 20.03 14.47 3.68
CA TYR C 168 20.35 14.45 5.12
C TYR C 168 21.86 14.30 5.34
N ASP C 169 22.31 14.56 6.56
CA ASP C 169 23.69 14.30 6.91
C ASP C 169 23.71 13.16 7.92
N VAL C 170 23.53 11.96 7.38
CA VAL C 170 23.46 10.70 8.12
C VAL C 170 24.37 10.62 9.37
N PRO C 171 23.74 10.37 10.54
CA PRO C 171 24.36 10.07 11.86
C PRO C 171 24.68 8.59 12.04
N GLU C 172 25.50 8.23 13.03
CA GLU C 172 25.80 6.81 13.23
C GLU C 172 24.56 6.01 13.63
N LYS C 173 23.73 6.58 14.50
CA LYS C 173 22.49 5.90 14.88
C LYS C 173 21.86 5.29 13.63
N TRP C 174 21.95 6.03 12.53
CA TRP C 174 21.33 5.67 11.25
C TRP C 174 22.16 4.69 10.44
N ALA C 175 23.46 4.97 10.29
CA ALA C 175 24.31 4.12 9.47
C ALA C 175 24.41 2.73 10.08
N ARG C 176 23.97 2.58 11.32
CA ARG C 176 23.87 1.25 11.94
C ARG C 176 22.64 0.55 11.38
N PHE C 177 21.57 1.33 11.16
CA PHE C 177 20.30 0.82 10.65
C PHE C 177 20.39 0.40 9.18
N TYR C 178 20.47 1.39 8.29
CA TYR C 178 20.47 1.15 6.84
C TYR C 178 21.51 0.12 6.41
N THR C 179 22.61 0.03 7.16
CA THR C 179 23.62 -0.97 6.91
C THR C 179 23.18 -2.40 7.25
N ALA C 180 22.81 -2.64 8.51
CA ALA C 180 22.39 -4.00 8.92
C ALA C 180 21.10 -4.48 8.25
N GLU C 181 20.32 -3.57 7.68
CA GLU C 181 19.15 -3.94 6.86
C GLU C 181 19.58 -4.30 5.44
N VAL C 182 20.80 -3.95 5.09
CA VAL C 182 21.37 -4.39 3.83
C VAL C 182 22.03 -5.75 4.06
N VAL C 183 22.80 -5.85 5.14
CA VAL C 183 23.49 -7.09 5.45
C VAL C 183 22.49 -8.25 5.42
N LEU C 184 21.29 -8.01 5.94
CA LEU C 184 20.25 -9.03 5.89
C LEU C 184 19.75 -9.30 4.46
N ALA C 185 19.43 -8.25 3.72
CA ALA C 185 18.94 -8.38 2.33
C ALA C 185 20.00 -8.89 1.36
N LEU C 186 21.22 -9.12 1.83
CA LEU C 186 22.25 -9.72 1.00
C LEU C 186 22.38 -11.21 1.34
N ASP C 187 22.49 -11.52 2.64
CA ASP C 187 22.52 -12.92 3.07
C ASP C 187 21.19 -13.53 2.71
N ALA C 188 20.25 -12.68 2.32
CA ALA C 188 19.05 -13.17 1.66
C ALA C 188 19.48 -13.73 0.31
N ILE C 189 19.96 -12.81 -0.54
CA ILE C 189 20.27 -13.14 -1.92
C ILE C 189 21.47 -14.07 -2.07
N HIS C 190 22.21 -14.32 -1.00
CA HIS C 190 23.25 -15.33 -1.09
C HIS C 190 22.64 -16.71 -0.89
N SER C 191 21.76 -16.81 0.07
CA SER C 191 21.21 -18.10 0.42
C SER C 191 19.92 -18.32 -0.35
N MET C 192 19.69 -17.44 -1.33
CA MET C 192 18.74 -17.72 -2.41
C MET C 192 19.56 -18.35 -3.55
N GLY C 193 20.87 -18.49 -3.33
CA GLY C 193 21.78 -19.19 -4.23
C GLY C 193 22.80 -18.33 -4.97
N PHE C 194 22.56 -17.01 -4.97
CA PHE C 194 23.22 -16.05 -5.87
C PHE C 194 24.39 -15.23 -5.33
N ILE C 195 24.57 -14.05 -5.93
CA ILE C 195 25.62 -13.08 -5.64
C ILE C 195 25.17 -11.84 -6.39
N HIS C 196 25.12 -10.67 -5.74
CA HIS C 196 24.62 -9.48 -6.43
C HIS C 196 25.63 -8.81 -7.40
N ARG C 197 26.66 -8.17 -6.87
CA ARG C 197 27.75 -7.59 -7.66
C ARG C 197 27.60 -6.09 -8.01
N ASP C 198 26.36 -5.64 -8.16
CA ASP C 198 26.10 -4.23 -8.30
C ASP C 198 25.39 -3.74 -7.04
N VAL C 199 26.19 -3.42 -6.02
CA VAL C 199 25.68 -3.09 -4.70
C VAL C 199 25.93 -1.62 -4.40
N LYS C 200 25.00 -0.74 -4.74
CA LYS C 200 25.21 0.69 -4.51
C LYS C 200 23.98 1.37 -3.95
N PRO C 201 24.12 2.60 -3.45
CA PRO C 201 22.93 3.28 -2.92
C PRO C 201 21.91 3.59 -4.01
N ASP C 202 22.35 3.60 -5.26
CA ASP C 202 21.43 3.79 -6.38
C ASP C 202 20.44 2.64 -6.48
N ASN C 203 20.82 1.49 -5.94
CA ASN C 203 20.04 0.25 -6.02
C ASN C 203 19.32 -0.13 -4.73
N MET C 204 19.22 0.80 -3.80
CA MET C 204 18.47 0.58 -2.56
C MET C 204 17.25 1.52 -2.48
N LEU C 205 16.06 0.92 -2.47
CA LEU C 205 14.81 1.68 -2.37
C LEU C 205 14.12 1.55 -1.01
N LEU C 206 13.10 2.37 -0.79
CA LEU C 206 12.46 2.44 0.52
C LEU C 206 10.93 2.31 0.43
N ASP C 207 10.39 1.26 1.07
CA ASP C 207 8.94 1.12 1.10
C ASP C 207 8.30 2.21 1.95
N LYS C 208 7.04 2.52 1.65
CA LYS C 208 6.31 3.59 2.33
C LYS C 208 6.38 3.49 3.85
N SER C 209 7.01 2.43 4.35
CA SER C 209 7.16 2.18 5.79
C SER C 209 8.50 2.72 6.31
N GLY C 210 9.36 3.10 5.37
CA GLY C 210 10.66 3.66 5.69
C GLY C 210 11.82 2.68 5.63
N HIS C 211 11.50 1.37 5.73
CA HIS C 211 12.49 0.29 5.67
C HIS C 211 12.94 0.03 4.22
N LEU C 212 13.77 -0.98 4.02
CA LEU C 212 14.51 -1.11 2.77
C LEU C 212 14.29 -2.42 1.98
N LYS C 213 14.46 -2.32 0.67
CA LYS C 213 14.32 -3.44 -0.27
C LYS C 213 15.40 -3.22 -1.35
N LEU C 214 15.80 -4.26 -2.09
CA LEU C 214 16.71 -4.04 -3.22
C LEU C 214 15.99 -4.21 -4.57
N ALA C 215 16.45 -3.52 -5.60
CA ALA C 215 16.06 -3.83 -6.98
C ALA C 215 17.27 -3.78 -7.92
N ASP C 216 17.03 -3.99 -9.22
CA ASP C 216 18.11 -4.17 -10.19
C ASP C 216 18.92 -5.39 -9.84
N PHE C 217 18.78 -6.43 -10.64
CA PHE C 217 19.46 -7.69 -10.38
C PHE C 217 20.17 -8.18 -11.65
N GLY C 218 20.48 -7.27 -12.56
CA GLY C 218 21.13 -7.66 -13.80
C GLY C 218 22.41 -8.42 -13.50
N THR C 219 23.22 -7.81 -12.65
CA THR C 219 24.55 -8.31 -12.36
C THR C 219 24.61 -9.70 -11.71
N CYS C 220 23.50 -10.16 -11.12
CA CYS C 220 23.49 -11.38 -10.29
C CYS C 220 24.05 -12.62 -10.99
N MET C 221 24.24 -13.70 -10.24
CA MET C 221 24.76 -14.96 -10.82
C MET C 221 24.86 -16.13 -9.84
N LYS C 222 24.03 -17.16 -10.05
CA LYS C 222 24.00 -18.32 -9.15
C LYS C 222 25.40 -18.86 -8.96
N MET C 223 25.79 -19.06 -7.70
CA MET C 223 27.12 -19.55 -7.38
C MET C 223 27.22 -21.01 -7.77
N ASN C 224 28.42 -21.45 -8.15
CA ASN C 224 28.64 -22.86 -8.47
C ASN C 224 28.40 -23.76 -7.25
N LYS C 225 28.82 -25.01 -7.30
CA LYS C 225 28.58 -25.90 -6.16
C LYS C 225 29.40 -25.49 -4.91
N GLU C 226 30.65 -25.10 -5.10
CA GLU C 226 31.52 -24.83 -3.95
C GLU C 226 31.41 -23.40 -3.42
N GLY C 227 30.60 -22.57 -4.08
CA GLY C 227 30.31 -21.24 -3.57
C GLY C 227 30.94 -20.08 -4.30
N MET C 228 31.81 -20.37 -5.27
CA MET C 228 32.47 -19.33 -6.04
C MET C 228 31.80 -19.09 -7.41
N VAL C 229 32.50 -18.39 -8.31
CA VAL C 229 32.01 -18.06 -9.64
C VAL C 229 33.18 -17.81 -10.60
N ARG C 230 33.07 -18.24 -11.85
CA ARG C 230 34.10 -17.93 -12.86
C ARG C 230 33.60 -16.92 -13.91
N CYS C 231 34.34 -15.83 -14.06
CA CYS C 231 33.87 -14.69 -14.82
C CYS C 231 35.04 -13.74 -15.11
N ASP C 232 35.30 -13.51 -16.40
CA ASP C 232 36.37 -12.59 -16.81
C ASP C 232 35.85 -11.30 -17.43
N THR C 233 34.89 -10.67 -16.75
CA THR C 233 34.32 -9.37 -17.12
C THR C 233 33.99 -8.54 -15.88
N ALA C 234 34.31 -7.25 -15.94
CA ALA C 234 34.14 -6.37 -14.78
C ALA C 234 32.69 -5.91 -14.69
N VAL C 235 32.16 -5.78 -13.48
CA VAL C 235 30.74 -5.44 -13.33
C VAL C 235 30.36 -4.61 -12.09
N GLY C 236 29.46 -3.65 -12.32
CA GLY C 236 29.01 -2.76 -11.28
C GLY C 236 29.64 -1.39 -11.36
N THR C 237 29.00 -0.41 -10.74
CA THR C 237 29.51 0.95 -10.65
C THR C 237 30.93 0.94 -10.06
N PRO C 238 31.82 1.83 -10.56
CA PRO C 238 33.26 1.82 -10.29
C PRO C 238 33.73 2.40 -8.94
N ASP C 239 32.87 3.09 -8.19
CA ASP C 239 33.24 3.50 -6.84
C ASP C 239 33.17 2.31 -5.87
N TYR C 240 32.16 1.48 -6.08
CA TYR C 240 31.85 0.38 -5.18
C TYR C 240 32.37 -0.97 -5.65
N ILE C 241 33.22 -0.97 -6.67
CA ILE C 241 33.66 -2.23 -7.26
C ILE C 241 34.66 -2.95 -6.37
N SER C 242 34.52 -4.28 -6.30
CA SER C 242 35.41 -5.11 -5.51
C SER C 242 36.78 -5.08 -6.15
N PRO C 243 37.84 -5.46 -5.40
CA PRO C 243 39.15 -5.44 -6.05
C PRO C 243 39.36 -6.75 -6.81
N GLU C 244 38.64 -7.79 -6.37
CA GLU C 244 38.68 -9.07 -7.07
C GLU C 244 37.89 -9.03 -8.37
N VAL C 245 36.70 -8.43 -8.32
CA VAL C 245 35.78 -8.32 -9.47
C VAL C 245 36.38 -7.45 -10.56
N LEU C 246 37.26 -6.56 -10.13
CA LEU C 246 37.96 -5.62 -10.99
C LEU C 246 39.10 -6.32 -11.72
N LYS C 247 40.11 -6.73 -10.95
CA LYS C 247 41.27 -7.42 -11.50
C LYS C 247 40.89 -8.72 -12.24
N SER C 248 39.59 -9.00 -12.33
CA SER C 248 39.10 -10.13 -13.11
C SER C 248 38.95 -9.73 -14.58
N GLN C 249 38.40 -8.54 -14.80
CA GLN C 249 38.36 -7.95 -16.13
C GLN C 249 39.59 -8.36 -16.96
N GLY C 250 39.43 -9.39 -17.78
CA GLY C 250 40.55 -9.95 -18.51
C GLY C 250 41.55 -10.71 -17.63
N GLY C 251 41.13 -11.88 -17.17
CA GLY C 251 41.95 -12.74 -16.34
C GLY C 251 41.11 -13.85 -15.75
N ASP C 252 41.72 -14.95 -15.35
CA ASP C 252 40.98 -16.01 -14.69
C ASP C 252 40.36 -15.44 -13.43
N GLY C 253 39.27 -14.72 -13.57
CA GLY C 253 38.55 -14.20 -12.43
C GLY C 253 37.78 -15.34 -11.81
N TYR C 254 37.86 -15.48 -10.50
CA TYR C 254 37.15 -16.54 -9.81
C TYR C 254 36.87 -16.10 -8.38
N TYR C 255 35.65 -15.62 -8.12
CA TYR C 255 35.29 -15.06 -6.81
C TYR C 255 34.10 -15.71 -6.09
N GLY C 256 34.09 -15.59 -4.76
CA GLY C 256 32.97 -16.03 -3.94
C GLY C 256 31.96 -14.91 -3.73
N ARG C 257 31.36 -14.84 -2.55
CA ARG C 257 30.47 -13.71 -2.24
C ARG C 257 31.08 -12.64 -1.33
N GLU C 258 32.39 -12.72 -1.07
CA GLU C 258 33.05 -11.64 -0.34
C GLU C 258 33.05 -10.34 -1.15
N CYS C 259 32.61 -10.42 -2.41
CA CYS C 259 32.60 -9.27 -3.32
C CYS C 259 31.36 -8.39 -3.18
N ASP C 260 30.34 -8.89 -2.48
CA ASP C 260 29.21 -8.04 -2.11
C ASP C 260 29.58 -7.38 -0.80
N TRP C 261 30.40 -8.06 0.00
CA TRP C 261 30.75 -7.56 1.32
C TRP C 261 31.59 -6.29 1.22
N TRP C 262 32.60 -6.30 0.36
CA TRP C 262 33.45 -5.13 0.17
C TRP C 262 32.59 -3.94 -0.23
N SER C 263 31.68 -4.17 -1.17
CA SER C 263 30.81 -3.11 -1.64
C SER C 263 30.08 -2.43 -0.48
N VAL C 264 29.75 -3.21 0.54
CA VAL C 264 29.05 -2.70 1.72
C VAL C 264 29.90 -1.76 2.58
N GLY C 265 31.19 -2.06 2.70
CA GLY C 265 32.11 -1.23 3.45
C GLY C 265 32.26 0.14 2.81
N VAL C 266 32.36 0.15 1.48
CA VAL C 266 32.40 1.37 0.70
C VAL C 266 31.12 2.21 0.83
N PHE C 267 30.07 1.60 1.35
CA PHE C 267 28.79 2.27 1.55
C PHE C 267 28.70 2.82 2.98
N LEU C 268 29.18 2.03 3.93
CA LEU C 268 29.24 2.46 5.33
C LEU C 268 30.14 3.66 5.40
N TYR C 269 30.92 3.87 4.34
CA TYR C 269 31.82 4.99 4.26
C TYR C 269 31.13 6.19 3.59
N GLU C 270 30.57 6.01 2.41
CA GLU C 270 29.91 7.11 1.72
C GLU C 270 28.85 7.76 2.61
N MET C 271 28.38 7.01 3.61
CA MET C 271 27.33 7.51 4.49
C MET C 271 27.86 8.40 5.60
N LEU C 272 29.01 8.02 6.16
CA LEU C 272 29.54 8.68 7.34
C LEU C 272 30.62 9.71 7.02
N VAL C 273 31.01 9.81 5.75
CA VAL C 273 32.01 10.80 5.35
C VAL C 273 31.52 11.73 4.24
N GLY C 274 30.61 11.25 3.40
CA GLY C 274 29.92 12.14 2.47
C GLY C 274 30.42 12.05 1.04
N ASP C 275 31.67 11.65 0.90
CA ASP C 275 32.21 11.30 -0.40
C ASP C 275 32.62 9.82 -0.34
N THR C 276 32.93 9.24 -1.50
CA THR C 276 33.32 7.84 -1.57
C THR C 276 34.78 7.71 -1.18
N PRO C 277 35.25 6.50 -0.84
CA PRO C 277 36.61 6.33 -0.31
C PRO C 277 37.67 6.27 -1.42
N PHE C 278 37.24 5.94 -2.63
CA PHE C 278 38.16 5.84 -3.75
C PHE C 278 37.80 6.75 -4.90
N TYR C 279 37.42 7.98 -4.58
CA TYR C 279 37.11 8.96 -5.61
C TYR C 279 38.34 9.42 -6.38
N ALA C 280 38.12 9.87 -7.60
CA ALA C 280 39.16 10.39 -8.45
C ALA C 280 38.56 10.88 -9.74
N ASP C 281 39.14 11.96 -10.28
CA ASP C 281 38.70 12.55 -11.53
C ASP C 281 38.34 11.53 -12.63
N SER C 282 39.17 10.49 -12.80
CA SER C 282 39.13 9.65 -13.99
C SER C 282 38.52 8.24 -13.82
N LEU C 283 37.87 7.75 -14.87
CA LEU C 283 37.32 6.39 -14.88
C LEU C 283 38.40 5.42 -14.48
N VAL C 284 39.62 5.77 -14.85
CA VAL C 284 40.80 4.93 -14.63
C VAL C 284 41.60 5.42 -13.43
N GLY C 285 41.20 6.58 -12.92
CA GLY C 285 41.82 7.16 -11.74
C GLY C 285 41.19 6.64 -10.48
N THR C 286 39.90 6.32 -10.57
CA THR C 286 39.14 5.75 -9.47
C THR C 286 39.40 4.25 -9.37
N TYR C 287 39.96 3.67 -10.42
CA TYR C 287 40.35 2.26 -10.39
C TYR C 287 41.73 2.07 -9.75
N SER C 288 42.58 3.07 -9.90
CA SER C 288 43.92 3.01 -9.32
C SER C 288 43.91 3.30 -7.83
N LYS C 289 42.95 4.09 -7.36
CA LYS C 289 42.79 4.27 -5.93
C LYS C 289 42.39 2.93 -5.27
N ILE C 290 41.54 2.17 -5.95
CA ILE C 290 41.08 0.89 -5.43
C ILE C 290 42.20 -0.12 -5.37
N MET C 291 42.98 -0.18 -6.45
CA MET C 291 44.05 -1.16 -6.55
C MET C 291 44.98 -0.95 -5.36
N ASN C 292 45.42 0.28 -5.15
CA ASN C 292 46.33 0.58 -4.03
C ASN C 292 45.59 0.79 -2.72
N HIS C 293 44.59 -0.03 -2.43
CA HIS C 293 43.76 0.22 -1.26
C HIS C 293 44.55 0.19 0.05
N LYS C 294 45.45 -0.78 0.21
CA LYS C 294 46.31 -0.90 1.41
C LYS C 294 46.99 0.44 1.74
N ASN C 295 47.00 1.35 0.77
CA ASN C 295 47.68 2.62 0.91
C ASN C 295 46.80 3.86 0.66
N SER C 296 45.72 3.72 -0.10
CA SER C 296 44.93 4.90 -0.52
C SER C 296 43.66 5.21 0.31
N LEU C 297 43.15 4.22 1.03
CA LEU C 297 42.00 4.41 1.92
C LEU C 297 42.35 5.33 3.09
N THR C 298 41.53 6.33 3.36
CA THR C 298 41.86 7.31 4.39
C THR C 298 40.68 8.18 4.83
N PHE C 299 40.49 8.27 6.15
CA PHE C 299 39.47 9.12 6.77
C PHE C 299 40.04 10.53 7.05
N PRO C 300 39.23 11.59 6.88
CA PRO C 300 39.61 12.99 7.13
C PRO C 300 39.96 13.29 8.61
N ASP C 301 40.09 14.57 8.93
CA ASP C 301 40.37 14.97 10.32
C ASP C 301 39.11 14.92 11.16
N ASP C 302 37.98 14.68 10.51
CA ASP C 302 36.67 14.68 11.16
C ASP C 302 36.45 13.34 11.83
N ASN C 303 37.49 12.86 12.51
CA ASN C 303 37.43 11.70 13.37
C ASN C 303 36.26 11.85 14.35
N ASP C 304 35.11 12.28 13.83
CA ASP C 304 33.85 12.26 14.54
C ASP C 304 33.29 10.85 14.35
N ILE C 305 34.21 9.94 14.05
CA ILE C 305 33.96 8.58 13.58
C ILE C 305 34.28 7.56 14.66
N SER C 306 33.25 7.00 15.29
CA SER C 306 33.46 6.12 16.44
C SER C 306 34.55 5.10 16.15
N LYS C 307 35.38 4.81 17.15
CA LYS C 307 36.47 3.85 17.00
C LYS C 307 36.05 2.61 16.22
N GLU C 308 34.88 2.04 16.59
CA GLU C 308 34.44 0.74 16.07
C GLU C 308 33.62 0.84 14.80
N ALA C 309 33.62 2.00 14.16
CA ALA C 309 32.96 2.15 12.87
C ALA C 309 34.02 2.23 11.81
N LYS C 310 34.99 3.11 12.05
CA LYS C 310 36.18 3.17 11.20
C LYS C 310 36.76 1.77 11.22
N ASN C 311 36.50 1.05 12.30
CA ASN C 311 37.07 -0.25 12.50
C ASN C 311 36.34 -1.34 11.73
N LEU C 312 35.08 -1.08 11.40
CA LEU C 312 34.29 -2.02 10.60
C LEU C 312 34.61 -1.78 9.14
N ILE C 313 34.58 -0.51 8.73
CA ILE C 313 34.92 -0.15 7.38
C ILE C 313 36.21 -0.82 6.94
N CYS C 314 37.18 -0.88 7.86
CA CYS C 314 38.50 -1.42 7.55
C CYS C 314 38.57 -2.95 7.60
N ALA C 315 37.45 -3.59 7.92
CA ALA C 315 37.39 -5.04 7.93
C ALA C 315 36.76 -5.55 6.64
N PHE C 316 35.94 -4.70 6.01
CA PHE C 316 35.36 -4.98 4.69
C PHE C 316 36.33 -4.55 3.60
N LEU C 317 36.78 -3.31 3.69
CA LEU C 317 37.72 -2.76 2.72
C LEU C 317 39.11 -3.35 2.93
N THR C 318 39.34 -4.54 2.38
CA THR C 318 40.63 -5.20 2.50
C THR C 318 40.69 -6.45 1.65
N ASP C 319 41.89 -7.00 1.45
CA ASP C 319 42.07 -8.18 0.61
C ASP C 319 40.96 -9.19 0.85
N ARG C 320 40.67 -10.02 -0.15
CA ARG C 320 39.51 -10.91 -0.03
C ARG C 320 39.67 -12.10 0.93
N GLU C 321 40.88 -12.65 1.03
CA GLU C 321 41.14 -13.76 1.95
C GLU C 321 41.12 -13.31 3.41
N VAL C 322 41.14 -12.00 3.62
CA VAL C 322 41.12 -11.42 4.96
C VAL C 322 39.73 -10.87 5.28
N ARG C 323 39.02 -10.46 4.24
CA ARG C 323 37.79 -9.69 4.38
C ARG C 323 36.69 -10.28 5.29
N LEU C 324 36.28 -9.50 6.28
CA LEU C 324 35.15 -9.84 7.15
C LEU C 324 33.96 -10.44 6.40
N GLY C 325 33.52 -11.62 6.83
CA GLY C 325 32.43 -12.30 6.17
C GLY C 325 32.96 -13.42 5.33
N ARG C 326 34.29 -13.50 5.26
CA ARG C 326 34.96 -14.59 4.54
C ARG C 326 34.54 -15.93 5.15
N ASN C 327 34.42 -15.96 6.47
CA ASN C 327 34.12 -17.19 7.19
C ASN C 327 32.77 -17.17 7.88
N GLY C 328 31.74 -16.71 7.16
CA GLY C 328 30.39 -16.71 7.69
C GLY C 328 29.71 -15.36 7.66
N VAL C 329 28.46 -15.35 7.21
CA VAL C 329 27.67 -14.12 7.22
C VAL C 329 27.40 -13.73 8.66
N GLU C 330 27.80 -14.62 9.56
CA GLU C 330 27.48 -14.46 10.98
C GLU C 330 28.46 -13.53 11.69
N GLU C 331 29.75 -13.67 11.39
CA GLU C 331 30.78 -12.87 12.07
C GLU C 331 30.70 -11.40 11.68
N ILE C 332 29.72 -11.10 10.83
CA ILE C 332 29.39 -9.74 10.45
C ILE C 332 28.36 -9.15 11.42
N LYS C 333 27.32 -9.94 11.71
CA LYS C 333 26.28 -9.52 12.63
C LYS C 333 26.85 -9.29 14.03
N ARG C 334 28.02 -9.89 14.28
CA ARG C 334 28.62 -9.85 15.61
C ARG C 334 29.56 -8.66 15.82
N HIS C 335 29.64 -7.74 14.86
CA HIS C 335 30.60 -6.65 14.99
C HIS C 335 30.23 -5.71 16.14
N LEU C 336 31.25 -5.18 16.82
CA LEU C 336 31.07 -4.32 17.99
C LEU C 336 30.31 -3.03 17.66
N PHE C 337 29.93 -2.92 16.38
CA PHE C 337 29.35 -1.71 15.81
C PHE C 337 27.81 -1.76 15.77
N PHE C 338 27.23 -2.94 15.94
CA PHE C 338 25.78 -3.06 15.96
C PHE C 338 25.26 -3.24 17.39
N LYS C 339 26.07 -2.85 18.37
CA LYS C 339 25.62 -2.87 19.75
C LYS C 339 24.66 -1.71 19.92
N ASN C 340 23.56 -1.97 20.62
CA ASN C 340 22.54 -0.97 20.88
C ASN C 340 21.36 -1.50 21.68
N ASP C 341 20.76 -0.61 22.46
CA ASP C 341 19.59 -0.95 23.24
C ASP C 341 18.36 -0.86 22.34
N GLN C 342 18.62 -0.64 21.05
CA GLN C 342 17.55 -0.35 20.10
C GLN C 342 17.04 -1.59 19.34
N TRP C 343 17.83 -2.67 19.34
CA TRP C 343 17.38 -3.97 18.77
C TRP C 343 18.39 -5.12 18.79
N ALA C 344 17.88 -6.30 18.40
CA ALA C 344 18.68 -7.36 17.83
C ALA C 344 18.04 -7.62 16.48
N TRP C 345 18.47 -8.69 15.80
CA TRP C 345 18.38 -8.75 14.35
C TRP C 345 17.08 -9.20 13.65
N GLU C 346 16.48 -10.28 14.14
CA GLU C 346 15.28 -10.86 13.51
C GLU C 346 14.08 -9.91 13.61
N THR C 347 14.29 -8.80 14.29
CA THR C 347 13.25 -7.82 14.54
C THR C 347 13.51 -6.53 13.75
N LEU C 348 14.57 -6.50 12.95
CA LEU C 348 14.96 -5.24 12.33
C LEU C 348 13.87 -4.64 11.43
N ARG C 349 13.49 -5.33 10.36
CA ARG C 349 12.47 -4.79 9.46
C ARG C 349 11.12 -4.82 10.15
N ASP C 350 11.12 -5.35 11.36
CA ASP C 350 9.96 -5.30 12.24
C ASP C 350 9.89 -3.93 12.93
N THR C 351 11.05 -3.37 13.31
CA THR C 351 11.08 -2.11 14.05
C THR C 351 10.51 -0.96 13.24
N VAL C 352 10.81 0.26 13.68
CA VAL C 352 10.32 1.46 13.00
C VAL C 352 11.47 2.21 12.34
N ALA C 353 11.25 2.65 11.11
CA ALA C 353 12.30 3.28 10.31
C ALA C 353 13.07 4.36 11.07
N PRO C 354 14.21 4.83 10.52
CA PRO C 354 14.97 5.97 11.05
C PRO C 354 14.45 7.24 10.41
N VAL C 355 14.05 7.11 9.15
CA VAL C 355 13.39 8.18 8.39
C VAL C 355 12.19 7.59 7.64
N VAL C 356 10.99 8.13 7.90
CA VAL C 356 9.75 7.60 7.30
C VAL C 356 9.17 8.52 6.22
N PRO C 357 8.95 7.99 5.00
CA PRO C 357 8.55 8.73 3.81
C PRO C 357 7.30 9.59 3.99
N ASP C 358 7.39 10.83 3.51
CA ASP C 358 6.29 11.77 3.58
C ASP C 358 5.55 11.82 2.26
N LEU C 359 4.41 11.12 2.20
CA LEU C 359 3.65 10.97 0.97
C LEU C 359 2.25 11.56 1.08
N SER C 360 1.73 12.02 -0.05
CA SER C 360 0.50 12.76 -0.05
C SER C 360 -0.60 11.93 -0.66
N SER C 361 -0.26 11.13 -1.65
CA SER C 361 -1.28 10.39 -2.36
C SER C 361 -0.77 9.06 -2.84
N ASP C 362 -1.69 8.30 -3.42
CA ASP C 362 -1.40 6.99 -4.00
C ASP C 362 -0.03 6.97 -4.74
N ILE C 363 0.46 8.14 -5.20
CA ILE C 363 1.65 8.21 -6.07
C ILE C 363 2.56 9.45 -5.99
N ASP C 364 2.78 9.97 -4.79
CA ASP C 364 3.67 11.12 -4.55
C ASP C 364 5.14 10.83 -4.85
N THR C 365 5.62 11.25 -6.03
CA THR C 365 7.05 11.11 -6.39
C THR C 365 7.95 12.33 -5.99
N SER C 366 7.82 12.76 -4.74
CA SER C 366 8.55 13.90 -4.20
C SER C 366 9.99 13.53 -3.96
N ASN C 367 10.21 12.28 -3.58
CA ASN C 367 11.56 11.77 -3.37
C ASN C 367 12.24 11.41 -4.70
N PHE C 368 11.61 11.79 -5.81
CA PHE C 368 12.16 11.47 -7.12
C PHE C 368 12.31 12.69 -8.02
N ASP C 369 13.28 12.60 -8.92
CA ASP C 369 13.56 13.67 -9.87
C ASP C 369 12.93 13.34 -11.22
N ASP C 370 13.04 14.27 -12.16
CA ASP C 370 12.20 14.19 -13.35
C ASP C 370 12.97 14.14 -14.66
N LEU C 371 12.35 13.55 -15.67
CA LEU C 371 13.08 13.18 -16.89
C LEU C 371 12.20 13.18 -18.16
N LYS C 375 13.49 12.69 -23.98
CA LYS C 375 12.50 11.63 -23.82
C LYS C 375 11.59 11.44 -25.06
N GLY C 376 12.16 11.55 -26.25
CA GLY C 376 11.37 11.59 -27.48
C GLY C 376 11.59 10.56 -28.61
N GLU C 377 12.68 10.71 -29.37
CA GLU C 377 12.87 10.03 -30.68
C GLU C 377 13.14 8.51 -30.68
N GLU C 378 12.43 7.77 -31.55
CA GLU C 378 12.32 6.31 -31.46
C GLU C 378 13.14 5.47 -32.47
N GLU C 379 14.35 5.05 -32.09
CA GLU C 379 15.20 4.18 -32.93
C GLU C 379 14.54 2.83 -33.14
N THR C 380 15.16 1.96 -33.93
CA THR C 380 14.48 0.73 -34.32
C THR C 380 15.34 -0.36 -35.00
N PHE C 381 14.72 -1.15 -35.86
CA PHE C 381 15.34 -2.32 -36.45
C PHE C 381 15.48 -2.23 -37.97
N PRO C 382 16.28 -3.14 -38.56
CA PRO C 382 16.53 -3.36 -40.00
C PRO C 382 15.75 -4.54 -40.59
N ILE C 383 15.00 -4.31 -41.67
CA ILE C 383 14.15 -5.34 -42.29
C ILE C 383 14.93 -6.55 -42.80
N PRO C 384 14.70 -7.73 -42.18
CA PRO C 384 15.45 -8.94 -42.48
C PRO C 384 15.53 -9.23 -43.96
N LYS C 385 16.76 -9.29 -44.47
CA LYS C 385 16.98 -9.84 -45.80
C LYS C 385 16.53 -11.29 -45.75
N ALA C 386 17.33 -12.17 -45.16
CA ALA C 386 16.92 -13.56 -44.95
C ALA C 386 16.12 -13.65 -43.66
N PHE C 387 16.43 -14.65 -42.84
CA PHE C 387 15.81 -14.74 -41.52
C PHE C 387 16.78 -14.50 -40.36
N VAL C 388 16.60 -13.37 -39.69
CA VAL C 388 17.48 -12.92 -38.60
C VAL C 388 17.35 -13.76 -37.34
N GLY C 389 16.14 -13.79 -36.78
CA GLY C 389 15.87 -14.49 -35.54
C GLY C 389 16.02 -13.59 -34.35
N ASN C 390 15.75 -12.30 -34.55
CA ASN C 390 15.95 -11.33 -33.50
C ASN C 390 15.13 -11.59 -32.24
N GLN C 391 13.81 -11.62 -32.39
CA GLN C 391 12.90 -11.77 -31.27
C GLN C 391 13.10 -13.06 -30.47
N LEU C 392 14.31 -13.62 -30.55
CA LEU C 392 14.55 -15.00 -30.17
C LEU C 392 14.73 -15.30 -28.67
N PRO C 393 15.96 -15.13 -28.13
CA PRO C 393 16.07 -15.59 -26.74
C PRO C 393 15.38 -14.60 -25.81
N PHE C 394 14.28 -14.04 -26.32
CA PHE C 394 13.30 -13.28 -25.54
C PHE C 394 12.03 -14.10 -25.38
N VAL C 395 12.18 -15.40 -25.25
CA VAL C 395 11.02 -16.27 -25.21
C VAL C 395 11.02 -17.14 -23.98
N GLY C 396 9.89 -17.15 -23.29
CA GLY C 396 9.76 -17.85 -22.03
C GLY C 396 9.76 -16.79 -20.94
N PHE C 397 9.89 -15.55 -21.38
CA PHE C 397 10.05 -14.40 -20.50
C PHE C 397 8.74 -13.95 -19.82
N THR C 398 7.60 -14.37 -20.35
CA THR C 398 6.32 -13.93 -19.80
C THR C 398 5.95 -14.68 -18.53
N TYR C 399 5.26 -13.98 -17.65
CA TYR C 399 4.87 -14.50 -16.36
C TYR C 399 3.81 -13.55 -15.76
N TYR C 400 2.69 -14.12 -15.32
CA TYR C 400 1.61 -13.35 -14.70
C TYR C 400 1.37 -13.78 -13.23
N SER C 401 0.37 -13.20 -12.58
CA SER C 401 -0.07 -13.69 -11.26
C SER C 401 -1.57 -13.89 -11.18
N ASN C 402 -1.91 -14.85 -10.33
CA ASN C 402 -3.14 -15.61 -10.45
C ASN C 402 -3.03 -16.78 -9.50
N ARG C 403 -1.77 -17.16 -9.24
CA ARG C 403 -1.38 -18.43 -8.62
C ARG C 403 -1.67 -18.58 -7.12
N ARG C 404 -2.85 -18.13 -6.68
CA ARG C 404 -3.31 -18.29 -5.28
C ARG C 404 -2.19 -18.16 -4.27
N ASN D 19 37.55 -8.18 -37.42
CA ASN D 19 38.77 -8.42 -38.20
C ASN D 19 40.01 -8.39 -37.30
N GLN D 20 40.99 -7.56 -37.65
CA GLN D 20 42.20 -7.41 -36.82
C GLN D 20 41.85 -6.86 -35.43
N ASN D 21 42.32 -7.53 -34.38
CA ASN D 21 42.03 -7.10 -33.00
C ASN D 21 42.39 -5.62 -32.82
N VAL D 22 42.14 -5.09 -31.63
CA VAL D 22 42.46 -3.69 -31.36
C VAL D 22 43.92 -3.55 -30.92
N LYS D 23 44.57 -2.46 -31.33
CA LYS D 23 45.99 -2.28 -31.03
C LYS D 23 46.34 -0.87 -30.53
N CYS D 24 46.78 -0.77 -29.28
CA CYS D 24 47.18 0.50 -28.68
C CYS D 24 48.70 0.57 -28.41
N LYS D 25 49.28 1.77 -28.54
CA LYS D 25 50.72 1.97 -28.36
C LYS D 25 51.05 2.73 -27.06
N ILE D 26 52.06 2.24 -26.34
CA ILE D 26 52.39 2.73 -24.99
C ILE D 26 53.87 3.03 -24.77
N VAL D 27 54.17 4.28 -24.41
CA VAL D 27 55.55 4.75 -24.21
C VAL D 27 55.89 4.97 -22.73
N VAL D 28 57.13 4.65 -22.32
CA VAL D 28 57.59 4.86 -20.94
C VAL D 28 58.82 5.78 -20.83
N VAL D 29 58.67 6.90 -20.14
CA VAL D 29 59.80 7.79 -19.91
C VAL D 29 60.09 7.85 -18.43
N GLY D 30 61.32 8.21 -18.06
CA GLY D 30 61.59 8.44 -16.66
C GLY D 30 63.06 8.55 -16.36
N ASP D 31 63.39 9.34 -15.33
CA ASP D 31 64.77 9.46 -14.84
C ASP D 31 65.47 8.12 -14.90
N SER D 32 66.77 8.14 -15.17
CA SER D 32 67.49 6.89 -15.30
C SER D 32 67.45 6.09 -13.99
N GLN D 33 67.20 4.79 -14.12
CA GLN D 33 67.34 3.83 -13.02
C GLN D 33 66.14 3.83 -12.08
N CYS D 34 65.03 4.40 -12.53
CA CYS D 34 63.81 4.46 -11.72
C CYS D 34 63.03 3.18 -11.84
N GLY D 35 63.42 2.33 -12.78
CA GLY D 35 62.82 1.00 -12.88
C GLY D 35 61.84 0.82 -14.01
N LYS D 36 62.04 1.55 -15.11
CA LYS D 36 61.20 1.43 -16.31
C LYS D 36 61.37 0.06 -16.94
N THR D 37 62.61 -0.35 -17.14
CA THR D 37 62.91 -1.60 -17.82
C THR D 37 62.77 -2.83 -16.89
N ALA D 38 62.71 -2.59 -15.59
CA ALA D 38 62.44 -3.63 -14.62
C ALA D 38 61.03 -4.14 -14.80
N LEU D 39 60.16 -3.25 -15.21
CA LEU D 39 58.73 -3.48 -15.17
C LEU D 39 58.16 -3.90 -16.52
N LEU D 40 58.63 -3.28 -17.59
CA LEU D 40 58.24 -3.71 -18.93
C LEU D 40 58.76 -5.11 -19.22
N HIS D 41 59.81 -5.51 -18.52
CA HIS D 41 60.39 -6.82 -18.75
C HIS D 41 59.66 -7.87 -17.94
N VAL D 42 59.25 -7.50 -16.73
CA VAL D 42 58.43 -8.38 -15.89
C VAL D 42 57.09 -8.71 -16.55
N PHE D 43 56.42 -7.68 -17.06
CA PHE D 43 55.12 -7.85 -17.65
C PHE D 43 55.20 -8.54 -19.01
N ALA D 44 56.14 -8.14 -19.87
CA ALA D 44 56.13 -8.63 -21.25
C ALA D 44 57.07 -9.80 -21.49
N LYS D 45 57.73 -10.27 -20.44
CA LYS D 45 58.64 -11.41 -20.57
C LYS D 45 58.60 -12.40 -19.38
N ASP D 46 57.74 -12.11 -18.40
CA ASP D 46 57.54 -12.98 -17.23
C ASP D 46 58.81 -13.36 -16.45
N CYS D 47 59.75 -12.44 -16.36
CA CYS D 47 60.92 -12.61 -15.50
C CYS D 47 61.61 -11.26 -15.25
N PHE D 48 62.09 -11.05 -14.03
CA PHE D 48 62.78 -9.81 -13.66
C PHE D 48 64.20 -9.86 -14.19
N PRO D 49 64.67 -8.77 -14.81
CA PRO D 49 66.02 -8.60 -15.37
C PRO D 49 67.17 -8.84 -14.39
N GLU D 50 68.09 -9.75 -14.72
CA GLU D 50 69.18 -10.08 -13.79
C GLU D 50 70.19 -8.95 -13.69
N ASN D 51 70.56 -8.36 -14.82
CA ASN D 51 71.59 -7.34 -14.85
C ASN D 51 71.11 -6.02 -15.43
N TYR D 52 71.22 -4.93 -14.66
CA TYR D 52 70.84 -3.61 -15.17
C TYR D 52 71.69 -3.22 -16.36
N VAL D 53 71.04 -2.72 -17.40
CA VAL D 53 71.75 -2.14 -18.51
C VAL D 53 70.95 -0.92 -18.95
N PRO D 54 71.63 0.24 -19.08
CA PRO D 54 70.92 1.46 -19.46
C PRO D 54 70.26 1.27 -20.83
N THR D 55 68.97 0.96 -20.84
CA THR D 55 68.26 0.83 -22.09
C THR D 55 68.38 2.16 -22.82
N VAL D 56 67.99 2.15 -24.09
CA VAL D 56 68.02 3.34 -24.93
C VAL D 56 66.66 3.54 -25.59
N PHE D 57 66.45 2.80 -26.68
CA PHE D 57 65.11 2.44 -27.15
C PHE D 57 65.03 0.90 -26.96
N GLU D 58 63.83 0.35 -27.00
CA GLU D 58 63.64 -1.10 -26.93
C GLU D 58 62.13 -1.31 -27.09
N ASN D 59 61.72 -2.31 -27.87
CA ASN D 59 60.28 -2.46 -28.16
C ASN D 59 59.65 -3.76 -27.73
N TYR D 60 59.17 -3.81 -26.48
CA TYR D 60 58.49 -4.99 -25.96
C TYR D 60 57.13 -5.17 -26.62
N THR D 61 56.74 -6.43 -26.82
CA THR D 61 55.54 -6.74 -27.56
C THR D 61 54.59 -7.62 -26.75
N ALA D 62 53.68 -6.97 -26.04
CA ALA D 62 52.82 -7.64 -25.09
C ALA D 62 51.42 -7.83 -25.62
N SER D 63 50.51 -8.15 -24.71
CA SER D 63 49.15 -8.48 -25.05
C SER D 63 48.35 -8.44 -23.77
N PHE D 64 47.19 -7.81 -23.82
CA PHE D 64 46.33 -7.77 -22.65
C PHE D 64 44.89 -8.13 -22.93
N GLU D 65 44.07 -8.08 -21.88
CA GLU D 65 42.73 -8.59 -21.97
C GLU D 65 41.76 -7.76 -21.16
N ILE D 66 40.91 -6.97 -21.83
CA ILE D 66 39.76 -6.42 -21.10
C ILE D 66 38.45 -7.11 -21.47
N ASP D 67 37.80 -7.64 -20.44
CA ASP D 67 36.48 -8.21 -20.58
C ASP D 67 36.35 -9.02 -21.85
N THR D 68 36.83 -10.26 -21.80
CA THR D 68 36.55 -11.23 -22.85
C THR D 68 37.35 -11.02 -24.14
N GLN D 69 37.80 -9.79 -24.39
CA GLN D 69 38.42 -9.49 -25.67
C GLN D 69 39.88 -9.01 -25.59
N ARG D 70 40.68 -9.36 -26.61
CA ARG D 70 42.10 -9.01 -26.69
C ARG D 70 42.41 -7.63 -27.24
N ILE D 71 43.13 -6.84 -26.45
CA ILE D 71 43.84 -5.67 -26.98
C ILE D 71 45.29 -6.12 -27.24
N GLU D 72 45.91 -5.53 -28.27
CA GLU D 72 47.30 -5.85 -28.58
C GLU D 72 48.17 -4.68 -28.13
N LEU D 73 49.25 -4.99 -27.44
CA LEU D 73 50.06 -3.95 -26.83
C LEU D 73 51.45 -3.81 -27.47
N SER D 74 51.81 -2.57 -27.80
CA SER D 74 53.14 -2.24 -28.31
C SER D 74 53.82 -1.28 -27.34
N LEU D 75 54.75 -1.81 -26.55
CA LEU D 75 55.38 -1.08 -25.46
C LEU D 75 56.72 -0.49 -25.86
N TRP D 76 57.05 0.69 -25.35
CA TRP D 76 58.29 1.40 -25.71
C TRP D 76 59.10 1.81 -24.50
N ASP D 77 60.25 1.18 -24.31
CA ASP D 77 61.16 1.46 -23.20
C ASP D 77 62.14 2.53 -23.67
N THR D 78 62.56 3.44 -22.79
CA THR D 78 63.47 4.51 -23.20
C THR D 78 64.57 4.85 -22.20
N SER D 79 65.33 5.90 -22.52
CA SER D 79 66.44 6.34 -21.67
C SER D 79 65.95 7.47 -20.77
N GLY D 80 66.59 7.63 -19.63
CA GLY D 80 66.28 8.73 -18.74
C GLY D 80 67.47 9.64 -18.68
N SER D 81 68.53 9.22 -19.37
CA SER D 81 69.78 9.95 -19.39
C SER D 81 69.69 11.14 -20.32
N PRO D 82 69.94 12.35 -19.78
CA PRO D 82 69.97 13.56 -20.59
C PRO D 82 70.81 13.40 -21.86
N TYR D 83 71.83 12.54 -21.83
CA TYR D 83 72.64 12.31 -23.03
C TYR D 83 71.74 12.05 -24.23
N TYR D 84 70.54 11.55 -23.96
CA TYR D 84 69.61 11.15 -25.01
C TYR D 84 68.39 12.05 -25.17
N ASP D 85 68.42 13.21 -24.51
CA ASP D 85 67.30 14.14 -24.59
C ASP D 85 66.94 14.43 -26.04
N ASN D 86 67.89 14.15 -26.93
CA ASN D 86 67.79 14.51 -28.34
C ASN D 86 67.10 13.46 -29.19
N VAL D 87 66.99 12.24 -28.67
CA VAL D 87 66.51 11.12 -29.49
C VAL D 87 65.27 10.45 -28.91
N ARG D 88 65.17 10.43 -27.59
CA ARG D 88 64.00 9.81 -26.93
C ARG D 88 62.67 10.24 -27.55
N PRO D 89 62.54 11.52 -27.92
CA PRO D 89 61.32 12.03 -28.54
C PRO D 89 61.03 11.52 -29.95
N LEU D 90 61.60 10.39 -30.36
CA LEU D 90 61.26 9.83 -31.66
C LEU D 90 60.22 8.74 -31.49
N SER D 91 59.86 8.47 -30.24
CA SER D 91 58.89 7.44 -29.89
C SER D 91 57.48 8.00 -29.56
N TYR D 92 57.43 9.26 -29.17
CA TYR D 92 56.15 9.87 -28.85
C TYR D 92 55.17 9.86 -30.03
N PRO D 93 55.61 10.34 -31.22
CA PRO D 93 54.70 10.44 -32.35
C PRO D 93 53.62 9.36 -32.40
N ASP D 94 52.38 9.79 -32.21
CA ASP D 94 51.16 8.98 -32.32
C ASP D 94 51.07 7.84 -31.32
N SER D 95 51.18 8.21 -30.04
CA SER D 95 51.00 7.27 -28.94
C SER D 95 49.56 7.29 -28.49
N ASP D 96 49.18 6.27 -27.73
CA ASP D 96 47.81 6.16 -27.23
C ASP D 96 47.78 6.46 -25.73
N ALA D 97 48.97 6.49 -25.11
CA ALA D 97 49.05 6.59 -23.67
C ALA D 97 50.50 6.44 -23.17
N VAL D 98 50.95 7.41 -22.37
CA VAL D 98 52.34 7.50 -21.93
C VAL D 98 52.51 7.36 -20.40
N LEU D 99 53.54 6.63 -19.97
CA LEU D 99 53.77 6.39 -18.54
C LEU D 99 54.98 7.15 -18.01
N ILE D 100 54.74 8.18 -17.20
CA ILE D 100 55.80 8.97 -16.56
C ILE D 100 56.21 8.35 -15.22
N CYS D 101 57.50 8.09 -15.02
CA CYS D 101 57.94 7.29 -13.87
C CYS D 101 58.84 7.97 -12.84
N PHE D 102 58.80 7.43 -11.62
CA PHE D 102 59.66 7.92 -10.56
C PHE D 102 60.00 6.82 -9.58
N ASP D 103 61.21 6.89 -9.02
CA ASP D 103 61.73 5.91 -8.06
C ASP D 103 61.35 6.31 -6.63
N ILE D 104 60.46 5.54 -6.00
CA ILE D 104 59.86 5.92 -4.70
C ILE D 104 60.90 6.09 -3.59
N SER D 105 62.10 5.55 -3.84
CA SER D 105 63.20 5.56 -2.88
C SER D 105 64.17 6.72 -3.07
N ARG D 106 63.72 7.72 -3.84
CA ARG D 106 64.50 8.93 -4.10
C ARG D 106 63.57 10.10 -4.42
N PRO D 107 63.21 10.92 -3.43
CA PRO D 107 62.34 12.06 -3.77
C PRO D 107 62.94 12.94 -4.85
N GLU D 108 64.25 12.81 -5.08
CA GLU D 108 64.92 13.58 -6.12
C GLU D 108 64.24 13.40 -7.48
N THR D 109 63.74 12.20 -7.77
CA THR D 109 63.20 11.88 -9.10
C THR D 109 61.74 12.30 -9.32
N LEU D 110 61.09 12.82 -8.27
CA LEU D 110 59.72 13.26 -8.39
C LEU D 110 59.66 14.77 -8.60
N ASP D 111 60.57 15.51 -7.96
CA ASP D 111 60.72 16.94 -8.27
C ASP D 111 61.22 17.05 -9.70
N SER D 112 61.33 15.89 -10.35
CA SER D 112 61.79 15.78 -11.73
C SER D 112 60.68 15.37 -12.67
N VAL D 113 59.66 14.69 -12.14
CA VAL D 113 58.51 14.33 -12.97
C VAL D 113 57.73 15.59 -13.19
N LEU D 114 58.28 16.68 -12.67
CA LEU D 114 57.63 17.98 -12.79
C LEU D 114 58.46 18.93 -13.64
N LYS D 115 59.75 19.03 -13.33
CA LYS D 115 60.59 20.02 -13.98
C LYS D 115 61.23 19.55 -15.28
N LYS D 116 60.84 18.36 -15.76
CA LYS D 116 61.28 17.89 -17.08
C LYS D 116 60.21 17.09 -17.84
N TRP D 117 59.65 16.06 -17.19
CA TRP D 117 58.75 15.12 -17.88
C TRP D 117 57.35 15.68 -18.23
N LYS D 118 56.78 16.50 -17.34
CA LYS D 118 55.50 17.13 -17.66
C LYS D 118 55.68 17.95 -18.92
N GLY D 119 56.78 18.69 -18.97
CA GLY D 119 57.06 19.59 -20.08
C GLY D 119 57.38 18.91 -21.39
N GLU D 120 58.21 17.88 -21.34
CA GLU D 120 58.59 17.16 -22.54
C GLU D 120 57.48 16.24 -23.03
N ILE D 121 56.55 15.87 -22.16
CA ILE D 121 55.41 15.08 -22.63
C ILE D 121 54.30 15.99 -23.14
N GLN D 122 54.11 17.13 -22.46
CA GLN D 122 53.06 18.07 -22.79
C GLN D 122 53.27 18.59 -24.19
N GLU D 123 54.49 18.40 -24.70
CA GLU D 123 54.93 19.08 -25.92
C GLU D 123 55.13 18.21 -27.16
N PHE D 124 55.08 16.90 -27.01
CA PHE D 124 55.29 16.01 -28.15
C PHE D 124 54.14 15.03 -28.30
N CYS D 125 53.61 14.59 -27.18
CA CYS D 125 52.43 13.76 -27.20
C CYS D 125 51.36 14.44 -26.34
N PRO D 126 50.90 15.62 -26.81
CA PRO D 126 50.02 16.53 -26.05
C PRO D 126 48.61 15.98 -25.99
N ASN D 127 48.15 15.48 -27.13
CA ASN D 127 46.86 14.82 -27.23
C ASN D 127 47.01 13.32 -27.04
N THR D 128 47.50 12.95 -25.87
CA THR D 128 47.68 11.55 -25.50
C THR D 128 47.64 11.45 -23.97
N LYS D 129 46.80 10.56 -23.47
CA LYS D 129 46.63 10.35 -22.03
C LYS D 129 47.98 10.08 -21.37
N MET D 130 48.34 10.84 -20.32
CA MET D 130 49.55 10.55 -19.52
C MET D 130 49.18 10.00 -18.14
N LEU D 131 50.14 9.44 -17.40
CA LEU D 131 49.79 8.52 -16.30
C LEU D 131 50.90 8.21 -15.27
N LEU D 132 50.89 8.86 -14.10
CA LEU D 132 52.00 8.78 -13.14
C LEU D 132 52.12 7.44 -12.41
N VAL D 133 53.27 6.78 -12.53
CA VAL D 133 53.48 5.47 -11.89
C VAL D 133 54.72 5.44 -10.99
N GLY D 134 54.53 5.18 -9.72
CA GLY D 134 55.65 5.09 -8.79
C GLY D 134 56.22 3.69 -8.68
N CYS D 135 57.48 3.53 -9.10
CA CYS D 135 58.12 2.22 -9.07
C CYS D 135 58.87 1.93 -7.77
N LYS D 136 59.51 0.77 -7.71
CA LYS D 136 60.20 0.31 -6.51
C LYS D 136 59.48 0.69 -5.21
N SER D 137 58.24 0.25 -5.03
CA SER D 137 57.50 0.65 -3.84
C SER D 137 57.91 -0.19 -2.63
N ASP D 138 58.56 -1.31 -2.89
CA ASP D 138 58.91 -2.22 -1.81
C ASP D 138 60.06 -1.68 -0.96
N LEU D 139 60.70 -0.61 -1.43
CA LEU D 139 61.83 -0.02 -0.73
C LEU D 139 61.38 0.98 0.33
N ARG D 140 60.10 1.31 0.31
CA ARG D 140 59.53 2.25 1.27
C ARG D 140 59.57 1.73 2.73
N THR D 141 59.74 0.41 2.88
CA THR D 141 59.82 -0.24 4.19
C THR D 141 61.13 -1.02 4.35
N ASP D 142 62.19 -0.54 3.70
CA ASP D 142 63.50 -1.15 3.82
C ASP D 142 64.38 -0.29 4.70
N VAL D 143 64.74 -0.81 5.88
CA VAL D 143 65.47 -0.01 6.84
C VAL D 143 66.73 0.59 6.23
N SER D 144 67.21 0.00 5.13
CA SER D 144 68.44 0.48 4.52
C SER D 144 68.25 1.74 3.67
N THR D 145 67.25 1.74 2.79
CA THR D 145 67.00 2.91 1.95
C THR D 145 66.26 4.02 2.70
N LEU D 146 65.98 3.80 3.98
CA LEU D 146 65.54 4.87 4.84
C LEU D 146 66.76 5.46 5.51
N VAL D 147 67.57 4.59 6.12
CA VAL D 147 68.78 5.00 6.83
C VAL D 147 69.68 5.82 5.92
N GLU D 148 69.49 5.66 4.62
CA GLU D 148 70.28 6.39 3.63
C GLU D 148 69.63 7.71 3.20
N LEU D 149 68.32 7.71 3.00
CA LEU D 149 67.67 8.95 2.61
C LEU D 149 67.63 9.98 3.76
N SER D 150 67.75 9.53 5.01
CA SER D 150 67.78 10.47 6.12
C SER D 150 69.13 11.19 6.20
N ASN D 151 70.18 10.55 5.69
CA ASN D 151 71.50 11.18 5.59
C ASN D 151 71.55 12.23 4.48
N HIS D 152 70.39 12.82 4.20
CA HIS D 152 70.27 13.90 3.23
C HIS D 152 69.03 14.72 3.58
N ARG D 153 68.54 14.56 4.80
CA ARG D 153 67.32 15.22 5.21
C ARG D 153 66.21 14.94 4.19
N GLN D 154 66.24 13.75 3.58
CA GLN D 154 65.15 13.27 2.71
C GLN D 154 64.47 12.06 3.32
N THR D 155 63.38 11.63 2.71
CA THR D 155 62.56 10.54 3.22
C THR D 155 61.59 10.13 2.13
N PRO D 156 61.60 8.83 1.78
CA PRO D 156 60.90 8.17 0.66
C PRO D 156 59.56 8.82 0.31
N VAL D 157 59.05 8.52 -0.88
CA VAL D 157 57.83 9.15 -1.36
C VAL D 157 56.59 8.48 -0.79
N SER D 158 55.75 9.23 -0.07
CA SER D 158 54.51 8.68 0.48
C SER D 158 53.39 8.77 -0.56
N TYR D 159 52.48 7.79 -0.55
CA TYR D 159 51.42 7.74 -1.54
C TYR D 159 50.89 9.14 -1.81
N ASP D 160 50.56 9.86 -0.75
CA ASP D 160 50.03 11.20 -0.89
C ASP D 160 50.99 12.17 -1.58
N GLN D 161 52.26 12.19 -1.16
CA GLN D 161 53.27 12.96 -1.88
C GLN D 161 53.17 12.64 -3.38
N GLY D 162 52.82 11.39 -3.68
CA GLY D 162 52.71 10.88 -5.03
C GLY D 162 51.55 11.46 -5.81
N ALA D 163 50.33 11.14 -5.40
CA ALA D 163 49.15 11.70 -6.06
C ALA D 163 49.05 13.23 -6.00
N ASN D 164 49.39 13.82 -4.85
CA ASN D 164 49.34 15.29 -4.71
C ASN D 164 50.30 15.98 -5.68
N MET D 165 51.12 15.15 -6.33
CA MET D 165 51.93 15.56 -7.47
C MET D 165 51.15 15.32 -8.74
N ALA D 166 50.79 14.06 -9.00
CA ALA D 166 50.07 13.69 -10.22
C ALA D 166 48.86 14.60 -10.55
N LYS D 167 48.04 14.94 -9.56
CA LYS D 167 46.90 15.81 -9.82
C LYS D 167 47.31 17.29 -9.90
N GLN D 168 48.62 17.53 -9.79
CA GLN D 168 49.19 18.87 -9.92
C GLN D 168 49.92 19.02 -11.25
N ILE D 169 50.09 17.92 -11.98
CA ILE D 169 50.70 17.93 -13.33
C ILE D 169 49.73 17.46 -14.40
N GLY D 170 48.58 16.96 -13.99
CA GLY D 170 47.53 16.62 -14.93
C GLY D 170 47.49 15.17 -15.37
N ALA D 171 48.04 14.28 -14.57
CA ALA D 171 47.96 12.86 -14.85
C ALA D 171 46.52 12.39 -14.74
N ALA D 172 46.21 11.21 -15.29
CA ALA D 172 44.85 10.67 -15.23
C ALA D 172 44.59 9.97 -13.91
N THR D 173 45.57 9.18 -13.47
CA THR D 173 45.58 8.65 -12.11
C THR D 173 47.02 8.49 -11.67
N TYR D 174 47.24 8.32 -10.38
CA TYR D 174 48.54 7.94 -9.84
C TYR D 174 48.40 6.51 -9.33
N ILE D 175 49.36 5.66 -9.65
CA ILE D 175 49.34 4.29 -9.15
C ILE D 175 50.75 3.80 -8.90
N GLU D 176 50.90 2.89 -7.93
CA GLU D 176 52.21 2.36 -7.56
C GLU D 176 52.39 0.89 -7.95
N CYS D 177 53.56 0.34 -7.65
CA CYS D 177 53.87 -1.04 -7.98
C CYS D 177 55.27 -1.38 -7.52
N SER D 178 55.45 -2.53 -6.90
CA SER D 178 56.79 -3.05 -6.73
C SER D 178 57.10 -3.85 -7.96
N ALA D 179 57.86 -3.28 -8.88
CA ALA D 179 58.24 -3.99 -10.09
C ALA D 179 58.91 -5.34 -9.78
N LEU D 180 59.26 -5.54 -8.50
CA LEU D 180 60.12 -6.66 -8.08
C LEU D 180 59.44 -7.72 -7.23
N GLN D 181 58.71 -7.29 -6.20
CA GLN D 181 58.17 -8.21 -5.20
C GLN D 181 57.02 -9.07 -5.72
N SER D 182 55.80 -8.54 -5.80
CA SER D 182 54.67 -9.35 -6.31
C SER D 182 54.25 -9.00 -7.74
N GLU D 183 54.30 -10.03 -8.60
CA GLU D 183 54.06 -9.92 -10.03
C GLU D 183 52.80 -9.14 -10.35
N ASN D 184 51.76 -9.37 -9.53
CA ASN D 184 50.46 -8.78 -9.76
C ASN D 184 50.48 -7.25 -9.69
N SER D 185 51.39 -6.69 -8.89
CA SER D 185 51.42 -5.24 -8.71
C SER D 185 51.70 -4.55 -10.03
N VAL D 186 52.31 -5.31 -10.95
CA VAL D 186 52.68 -4.84 -12.29
C VAL D 186 51.59 -5.10 -13.31
N ARG D 187 51.01 -6.30 -13.29
CA ARG D 187 49.86 -6.57 -14.14
C ARG D 187 48.81 -5.49 -13.88
N ASP D 188 48.58 -5.19 -12.61
CA ASP D 188 47.58 -4.21 -12.21
C ASP D 188 47.88 -2.83 -12.77
N ILE D 189 49.04 -2.68 -13.40
CA ILE D 189 49.40 -1.43 -14.05
C ILE D 189 48.96 -1.44 -15.52
N PHE D 190 49.36 -2.47 -16.26
CA PHE D 190 49.05 -2.57 -17.69
C PHE D 190 47.57 -2.85 -17.92
N HIS D 191 46.89 -3.14 -16.82
CA HIS D 191 45.44 -3.26 -16.79
C HIS D 191 44.81 -1.86 -16.78
N VAL D 192 45.31 -1.02 -15.87
CA VAL D 192 44.83 0.34 -15.71
C VAL D 192 45.09 1.17 -16.96
N ALA D 193 46.19 0.87 -17.65
CA ALA D 193 46.61 1.70 -18.78
C ALA D 193 46.16 1.19 -20.15
N THR D 194 45.83 -0.10 -20.26
CA THR D 194 45.12 -0.56 -21.44
C THR D 194 43.86 0.32 -21.54
N LEU D 195 43.20 0.53 -20.40
CA LEU D 195 41.96 1.29 -20.33
C LEU D 195 42.12 2.76 -20.71
N ALA D 196 43.31 3.32 -20.49
CA ALA D 196 43.56 4.70 -20.89
C ALA D 196 43.63 4.83 -22.41
N CYS D 197 44.12 3.78 -23.06
CA CYS D 197 44.15 3.71 -24.52
C CYS D 197 42.74 3.63 -25.06
N VAL D 198 42.07 2.54 -24.73
CA VAL D 198 40.80 2.16 -25.37
C VAL D 198 39.56 2.97 -24.98
N ASN D 199 39.42 3.25 -23.68
CA ASN D 199 38.28 4.05 -23.23
C ASN D 199 38.12 5.34 -24.02
N LYS D 200 39.08 6.25 -23.88
CA LYS D 200 38.96 7.60 -24.46
C LYS D 200 37.64 8.30 -24.06
PG ANP E . -22.75 -1.33 14.85
O1G ANP E . -23.41 -1.21 16.16
O2G ANP E . -23.43 -2.58 14.02
O3G ANP E . -22.99 0.07 14.00
PB ANP E . -20.52 -2.88 14.02
O1B ANP E . -20.89 -4.36 14.67
O2B ANP E . -21.14 -2.75 12.71
N3B ANP E . -21.07 -1.62 15.04
PA ANP E . -18.16 -2.67 12.36
O1A ANP E . -19.09 -2.10 11.38
O2A ANP E . -17.65 -4.14 11.83
O3A ANP E . -18.87 -2.79 13.85
O5' ANP E . -16.87 -1.65 12.55
C5' ANP E . -16.91 -0.67 13.57
C4' ANP E . -15.50 -0.09 13.78
O4' ANP E . -14.50 -1.10 13.45
C3' ANP E . -15.26 1.13 12.90
O3' ANP E . -15.58 2.33 13.58
C2' ANP E . -13.77 1.06 12.62
O2' ANP E . -13.07 1.80 13.58
C1' ANP E . -13.43 -0.45 12.71
N9 ANP E . -13.22 -1.08 11.38
C8 ANP E . -14.23 -1.94 10.67
N7 ANP E . -13.66 -2.36 9.38
C5 ANP E . -12.32 -1.79 9.27
C6 ANP E . -11.28 -1.89 8.16
N6 ANP E . -11.56 -2.65 6.96
N1 ANP E . -10.01 -1.21 8.30
C2 ANP E . -9.72 -0.41 9.55
N3 ANP E . -10.74 -0.30 10.63
C4 ANP E . -12.04 -0.99 10.50
MG MG F . -19.88 0.64 13.01
PG GTP G . -61.85 17.65 27.83
O1G GTP G . -61.05 17.98 29.06
O2G GTP G . -61.80 16.16 27.58
O3G GTP G . -63.26 18.13 28.04
O3B GTP G . -61.25 18.48 26.60
PB GTP G . -60.78 17.67 25.30
O1B GTP G . -59.36 18.05 25.00
O2B GTP G . -60.89 16.18 25.53
O3A GTP G . -61.71 18.22 24.10
PA GTP G . -61.48 17.62 22.61
O1A GTP G . -62.65 16.71 22.24
O2A GTP G . -60.18 16.87 22.62
O5' GTP G . -61.33 18.83 21.56
C5' GTP G . -61.60 20.19 21.83
C4' GTP G . -62.17 20.83 20.57
O4' GTP G . -61.10 21.42 19.88
C3' GTP G . -62.82 19.84 19.61
O3' GTP G . -64.19 20.09 19.41
C2' GTP G . -62.19 20.08 18.26
O2' GTP G . -63.17 20.68 17.44
C1' GTP G . -61.04 21.03 18.51
N9 GTP G . -59.76 20.31 18.32
C8 GTP G . -59.33 19.27 19.09
N7 GTP G . -58.11 18.88 18.63
C5 GTP G . -57.77 19.68 17.59
C6 GTP G . -56.64 19.71 16.79
O6 GTP G . -55.73 18.90 16.99
N1 GTP G . -56.55 20.65 15.78
C2 GTP G . -57.57 21.55 15.59
N2 GTP G . -57.49 22.45 14.63
N3 GTP G . -58.68 21.51 16.40
C4 GTP G . -58.78 20.59 17.39
MG MG H . -63.16 15.28 25.51
PG ANP I . 22.76 0.99 -14.29
O1G ANP I . 23.68 1.81 -15.09
O2G ANP I . 22.59 -0.48 -15.01
O3G ANP I . 23.39 0.77 -12.78
PB ANP I . 19.96 0.68 -14.49
O1B ANP I . 19.78 0.44 -16.12
O2B ANP I . 20.26 -0.59 -13.83
N3B ANP I . 21.24 1.77 -14.19
PA ANP I . 17.64 0.47 -12.79
O1A ANP I . 18.47 -0.46 -12.03
O2A ANP I . 16.41 -0.35 -13.52
O3A ANP I . 18.56 1.29 -13.89
O5' ANP I . 17.03 1.59 -11.74
C5' ANP I . 17.75 2.78 -11.54
C4' ANP I . 16.86 3.79 -10.82
O4' ANP I . 15.46 3.53 -11.16
C3' ANP I . 16.97 3.68 -9.29
O3' ANP I . 17.95 4.58 -8.80
C2' ANP I . 15.60 4.05 -8.80
O2' ANP I . 15.56 5.44 -8.53
C1' ANP I . 14.65 3.66 -9.95
N9 ANP I . 13.86 2.45 -9.67
C8 ANP I . 14.18 1.08 -10.22
N7 ANP I . 13.20 0.12 -9.70
C5 ANP I . 12.27 0.85 -8.83
C6 ANP I . 11.07 0.38 -8.03
N6 ANP I . 10.68 -1.02 -8.06
N1 ANP I . 10.30 1.32 -7.24
C2 ANP I . 10.70 2.78 -7.22
N3 ANP I . 11.88 3.24 -8.01
C4 ANP I . 12.68 2.28 -8.81
MG MG J . 20.75 1.57 -10.98
PG GTP K . 67.35 3.48 -17.62
O1G GTP K . 67.03 4.93 -17.84
O2G GTP K . 66.57 2.64 -18.61
O3G GTP K . 68.85 3.31 -17.76
O3B GTP K . 66.96 3.10 -16.12
PB GTP K . 65.94 1.88 -15.90
O1B GTP K . 64.80 2.38 -15.04
O2B GTP K . 65.41 1.43 -17.24
O3A GTP K . 66.77 0.77 -15.05
PA GTP K . 66.07 -0.61 -14.58
O1A GTP K . 66.63 -1.76 -15.40
O2A GTP K . 64.59 -0.44 -14.79
O5' GTP K . 66.30 -0.89 -13.02
C5' GTP K . 67.17 -0.16 -12.20
C4' GTP K . 67.73 -1.10 -11.14
O4' GTP K . 66.94 -0.95 -9.99
C3' GTP K . 67.66 -2.57 -11.55
O3' GTP K . 68.93 -3.14 -11.63
C2' GTP K . 66.99 -3.28 -10.41
O2' GTP K . 67.99 -4.03 -9.77
C1' GTP K . 66.47 -2.18 -9.49
N9 GTP K . 65.01 -2.17 -9.59
C8 GTP K . 64.29 -1.85 -10.72
N7 GTP K . 62.98 -1.92 -10.42
C5 GTP K . 62.85 -2.25 -9.12
C6 GTP K . 61.72 -2.44 -8.33
O6 GTP K . 60.60 -2.30 -8.82
N1 GTP K . 61.88 -2.78 -7.00
C2 GTP K . 63.14 -2.93 -6.50
N2 GTP K . 63.29 -3.26 -5.22
N3 GTP K . 64.25 -2.72 -7.28
C4 GTP K . 64.11 -2.40 -8.58
MG MG L . 67.04 -0.06 -18.62
S SO4 M . 74.43 10.67 11.23
O1 SO4 M . 73.79 11.81 10.61
O2 SO4 M . 73.59 9.47 11.10
O3 SO4 M . 75.72 10.44 10.60
O4 SO4 M . 74.64 10.95 12.66
#